data_4LUE
#
_entry.id   4LUE
#
_cell.length_a   73.400
_cell.length_b   93.530
_cell.length_c   181.490
_cell.angle_alpha   90.000
_cell.angle_beta   90.000
_cell.angle_gamma   90.000
#
_symmetry.space_group_name_H-M   'P 21 21 21'
#
loop_
_entity.id
_entity.type
_entity.pdbx_description
1 polymer 'Tyrosine-protein kinase HCK'
2 non-polymer 'CALCIUM ION'
3 non-polymer 7-[trans-4-(4-methylpiperazin-1-yl)cyclohexyl]-5-(4-phenoxyphenyl)-7H-pyrrolo[2,3-d]pyrimidin-4-amine
4 non-polymer 'CHLORIDE ION'
5 non-polymer GLYCEROL
6 non-polymer IMIDAZOLE
7 water water
#
_entity_poly.entity_id   1
_entity_poly.type   'polypeptide(L)'
_entity_poly.pdbx_seq_one_letter_code
;GAMGSGIRIIVVALYDYEAIHHEDLSFQKGDQMVVLEESGEWWKARSLATRKEGYIPSNYVARVDSLETEEWFFKGISRK
DAERQLLAPGNMLGSFMIRDSETTKGSYSLSVRDYDPRQGDTVKHYKIRTLDNGGFYISPRSTFSTLQELVDHYKKGNDG
LCQKLSVPCMSSKPQKPWEKDAWEIPRESLKLEKKLGAGQFGEVWMATYNKHTKVAVKTMKPGSMSVEAFLAEANVMKTL
QHDKLVKLHAVVTKEPIYIITEFMAKGSLLDFLKSDEGSKQPLPKLIDFSAQIAEGMAFIEQRNYIHRDLRAANILVSAS
LVCKIADFGLARVIEDNEYTAREGAKFPIKWTAPEAINFGSFTIKSDVWSFGILLMEIVTYGRIPYPGMSNPEVIRALER
GYRMPRPENCPEELYNIMMRCWKNRPEERPTFEYIQSVLDDFYTATESQ(PTR)EEIP
;
_entity_poly.pdbx_strand_id   A,B
#
loop_
_chem_comp.id
_chem_comp.type
_chem_comp.name
_chem_comp.formula
CA non-polymer 'CALCIUM ION' 'Ca 2'
CL non-polymer 'CHLORIDE ION' 'Cl -1'
GOL non-polymer GLYCEROL 'C3 H8 O3'
IMD non-polymer IMIDAZOLE 'C3 H5 N2 1'
VSE non-polymer 7-[trans-4-(4-methylpiperazin-1-yl)cyclohexyl]-5-(4-phenoxyphenyl)-7H-pyrrolo[2,3-d]pyrimidin-4-amine 'C29 H34 N6 O'
#
# COMPACT_ATOMS: atom_id res chain seq x y z
N ARG A 8 -6.48 -45.15 -14.19
CA ARG A 8 -7.48 -44.76 -15.17
C ARG A 8 -8.09 -43.41 -14.83
N ILE A 9 -7.64 -42.37 -15.54
CA ILE A 9 -8.15 -41.03 -15.32
C ILE A 9 -9.18 -40.63 -16.37
N ILE A 10 -10.30 -40.10 -15.90
CA ILE A 10 -11.38 -39.68 -16.80
C ILE A 10 -11.68 -38.19 -16.59
N VAL A 11 -11.77 -37.46 -17.68
CA VAL A 11 -12.08 -36.03 -17.61
C VAL A 11 -13.38 -35.70 -18.33
N VAL A 12 -13.85 -34.47 -18.12
CA VAL A 12 -15.05 -33.97 -18.77
C VAL A 12 -14.72 -32.62 -19.40
N ALA A 13 -15.36 -32.32 -20.53
CA ALA A 13 -15.11 -31.10 -21.28
C ALA A 13 -15.88 -29.93 -20.71
N LEU A 14 -15.14 -28.88 -20.34
CA LEU A 14 -15.75 -27.67 -19.77
C LEU A 14 -16.37 -26.80 -20.86
N TYR A 15 -15.83 -26.90 -22.07
CA TYR A 15 -16.31 -26.08 -23.19
C TYR A 15 -16.39 -26.90 -24.47
N ASP A 16 -17.06 -26.35 -25.49
CA ASP A 16 -17.06 -26.95 -26.81
C ASP A 16 -15.70 -26.73 -27.47
N TYR A 17 -15.38 -27.57 -28.45
CA TYR A 17 -14.11 -27.45 -29.17
C TYR A 17 -14.17 -28.08 -30.55
N GLU A 18 -13.77 -27.31 -31.56
CA GLU A 18 -13.69 -27.81 -32.93
C GLU A 18 -12.24 -28.02 -33.33
N ALA A 19 -11.92 -29.22 -33.78
CA ALA A 19 -10.54 -29.55 -34.16
C ALA A 19 -10.15 -28.84 -35.45
N ILE A 20 -8.92 -28.35 -35.50
CA ILE A 20 -8.42 -27.64 -36.67
C ILE A 20 -7.02 -28.11 -37.05
N HIS A 21 -6.48 -29.06 -36.29
CA HIS A 21 -5.18 -29.64 -36.59
C HIS A 21 -5.32 -31.05 -37.16
N HIS A 22 -4.20 -31.74 -37.30
CA HIS A 22 -4.19 -33.08 -37.86
C HIS A 22 -4.76 -34.12 -36.89
N GLU A 23 -4.20 -34.16 -35.68
CA GLU A 23 -4.54 -35.22 -34.74
C GLU A 23 -5.23 -34.73 -33.47
N ASP A 24 -5.79 -33.53 -33.50
CA ASP A 24 -6.53 -33.03 -32.35
C ASP A 24 -8.00 -33.49 -32.43
N LEU A 25 -8.68 -33.46 -31.29
CA LEU A 25 -10.01 -34.05 -31.18
C LEU A 25 -11.11 -33.01 -31.02
N SER A 26 -12.24 -33.23 -31.68
CA SER A 26 -13.40 -32.37 -31.52
C SER A 26 -14.31 -32.92 -30.42
N PHE A 27 -14.84 -32.01 -29.60
CA PHE A 27 -15.75 -32.41 -28.52
C PHE A 27 -16.65 -31.26 -28.08
N GLN A 28 -17.72 -31.61 -27.37
CA GLN A 28 -18.64 -30.61 -26.84
C GLN A 28 -18.71 -30.70 -25.32
N LYS A 29 -19.29 -29.68 -24.68
CA LYS A 29 -19.39 -29.65 -23.23
C LYS A 29 -20.22 -30.81 -22.69
N GLY A 30 -19.73 -31.44 -21.63
CA GLY A 30 -20.40 -32.59 -21.05
C GLY A 30 -19.76 -33.91 -21.43
N ASP A 31 -19.11 -33.92 -22.58
CA ASP A 31 -18.43 -35.12 -23.08
C ASP A 31 -17.31 -35.56 -22.15
N GLN A 32 -17.21 -36.87 -21.95
CA GLN A 32 -16.17 -37.43 -21.10
C GLN A 32 -15.09 -38.11 -21.93
N MET A 33 -13.86 -38.11 -21.42
CA MET A 33 -12.72 -38.67 -22.14
C MET A 33 -11.80 -39.42 -21.20
N VAL A 34 -10.98 -40.29 -21.78
CA VAL A 34 -9.99 -41.05 -21.00
C VAL A 34 -8.59 -40.52 -21.25
N VAL A 35 -7.96 -40.02 -20.20
CA VAL A 35 -6.61 -39.47 -20.31
C VAL A 35 -5.56 -40.56 -20.50
N LEU A 36 -4.79 -40.43 -21.57
CA LEU A 36 -3.77 -41.41 -21.92
C LEU A 36 -2.37 -40.85 -21.68
N GLU A 37 -2.24 -39.53 -21.73
CA GLU A 37 -0.95 -38.88 -21.54
C GLU A 37 -1.12 -37.40 -21.20
N GLU A 38 -0.23 -36.88 -20.37
CA GLU A 38 -0.27 -35.48 -19.95
C GLU A 38 1.01 -34.75 -20.32
N SER A 39 0.98 -34.06 -21.47
CA SER A 39 2.18 -33.41 -21.99
C SER A 39 2.12 -31.89 -21.86
N GLY A 40 1.26 -31.38 -20.98
CA GLY A 40 1.17 -29.95 -20.76
C GLY A 40 -0.13 -29.36 -21.27
N GLU A 41 -0.01 -28.35 -22.13
CA GLU A 41 -1.18 -27.71 -22.72
C GLU A 41 -1.99 -28.69 -23.57
N TRP A 42 -1.29 -29.65 -24.17
CA TRP A 42 -1.94 -30.67 -24.97
C TRP A 42 -1.88 -32.05 -24.32
N TRP A 43 -3.05 -32.64 -24.11
CA TRP A 43 -3.15 -33.98 -23.54
C TRP A 43 -3.67 -34.96 -24.58
N LYS A 44 -3.23 -36.22 -24.51
CA LYS A 44 -3.76 -37.23 -25.41
C LYS A 44 -4.91 -37.94 -24.72
N ALA A 45 -6.07 -38.03 -25.36
CA ALA A 45 -7.23 -38.66 -24.73
C ALA A 45 -8.06 -39.51 -25.69
N ARG A 46 -9.06 -40.19 -25.13
CA ARG A 46 -10.01 -40.96 -25.93
C ARG A 46 -11.45 -40.58 -25.57
N SER A 47 -12.15 -39.98 -26.51
CA SER A 47 -13.55 -39.58 -26.29
C SER A 47 -14.44 -40.79 -26.07
N LEU A 48 -15.24 -40.76 -25.00
CA LEU A 48 -16.19 -41.83 -24.75
C LEU A 48 -17.36 -41.75 -25.74
N ALA A 49 -17.55 -40.58 -26.34
CA ALA A 49 -18.65 -40.35 -27.26
C ALA A 49 -18.32 -40.82 -28.67
N THR A 50 -17.11 -40.57 -29.12
CA THR A 50 -16.72 -40.87 -30.50
C THR A 50 -15.68 -41.99 -30.60
N ARG A 51 -15.16 -42.41 -29.44
CA ARG A 51 -14.19 -43.50 -29.34
C ARG A 51 -12.88 -43.19 -30.07
N LYS A 52 -12.71 -41.95 -30.51
CA LYS A 52 -11.51 -41.53 -31.20
C LYS A 52 -10.42 -41.14 -30.21
N GLU A 53 -9.17 -41.43 -30.55
CA GLU A 53 -8.03 -41.02 -29.73
C GLU A 53 -7.28 -39.86 -30.38
N GLY A 54 -7.04 -38.81 -29.62
CA GLY A 54 -6.36 -37.65 -30.16
C GLY A 54 -6.01 -36.60 -29.13
N TYR A 55 -5.35 -35.53 -29.57
CA TYR A 55 -4.93 -34.46 -28.69
C TYR A 55 -6.05 -33.50 -28.37
N ILE A 56 -6.05 -32.98 -27.15
CA ILE A 56 -7.03 -32.02 -26.67
C ILE A 56 -6.35 -30.94 -25.84
N PRO A 57 -6.93 -29.74 -25.81
CA PRO A 57 -6.42 -28.69 -24.91
C PRO A 57 -6.73 -29.04 -23.46
N SER A 58 -5.69 -29.18 -22.64
CA SER A 58 -5.84 -29.57 -21.24
C SER A 58 -6.72 -28.59 -20.46
N ASN A 59 -6.68 -27.33 -20.86
CA ASN A 59 -7.44 -26.28 -20.16
C ASN A 59 -8.91 -26.24 -20.56
N TYR A 60 -9.34 -27.21 -21.35
CA TYR A 60 -10.74 -27.30 -21.76
C TYR A 60 -11.46 -28.42 -21.02
N VAL A 61 -10.68 -29.21 -20.29
CA VAL A 61 -11.23 -30.36 -19.56
C VAL A 61 -10.83 -30.34 -18.09
N ALA A 62 -11.47 -31.20 -17.30
CA ALA A 62 -11.13 -31.34 -15.89
C ALA A 62 -11.66 -32.67 -15.35
N ARG A 63 -11.06 -33.20 -14.29
CA ARG A 63 -11.51 -34.45 -13.71
C ARG A 63 -12.99 -34.39 -13.36
N VAL A 64 -13.69 -35.52 -13.48
CA VAL A 64 -15.15 -35.52 -13.30
C VAL A 64 -15.52 -35.32 -11.83
N ASP A 65 -16.66 -34.68 -11.62
CA ASP A 65 -17.19 -34.38 -10.29
C ASP A 65 -16.20 -33.60 -9.43
N SER A 66 -15.20 -32.99 -10.06
CA SER A 66 -14.26 -32.11 -9.38
C SER A 66 -14.87 -30.72 -9.29
N LEU A 67 -14.14 -29.79 -8.68
CA LEU A 67 -14.69 -28.46 -8.42
C LEU A 67 -14.78 -27.61 -9.69
N GLU A 68 -13.80 -27.76 -10.58
CA GLU A 68 -13.79 -27.00 -11.83
C GLU A 68 -15.03 -27.28 -12.69
N THR A 69 -15.62 -28.45 -12.48
CA THR A 69 -16.78 -28.89 -13.25
C THR A 69 -18.06 -28.13 -12.86
N GLU A 70 -17.96 -27.31 -11.81
CA GLU A 70 -19.11 -26.55 -11.34
C GLU A 70 -19.18 -25.20 -12.05
N GLU A 71 -20.40 -24.77 -12.36
CA GLU A 71 -20.61 -23.54 -13.11
C GLU A 71 -20.30 -22.29 -12.29
N TRP A 72 -20.17 -22.44 -10.99
CA TRP A 72 -19.94 -21.30 -10.11
C TRP A 72 -18.51 -21.27 -9.55
N PHE A 73 -17.70 -22.26 -9.89
CA PHE A 73 -16.32 -22.29 -9.42
C PHE A 73 -15.35 -21.81 -10.49
N PHE A 74 -14.49 -20.88 -10.11
CA PHE A 74 -13.48 -20.34 -11.01
C PHE A 74 -12.09 -20.54 -10.40
N LYS A 75 -11.32 -21.46 -10.97
CA LYS A 75 -10.02 -21.82 -10.41
C LYS A 75 -8.93 -20.86 -10.86
N GLY A 76 -8.03 -20.52 -9.94
CA GLY A 76 -6.86 -19.74 -10.27
C GLY A 76 -7.19 -18.30 -10.62
N ILE A 77 -8.18 -17.75 -9.94
CA ILE A 77 -8.58 -16.37 -10.18
C ILE A 77 -8.36 -15.52 -8.94
N SER A 78 -7.79 -14.34 -9.13
CA SER A 78 -7.55 -13.43 -8.03
C SER A 78 -8.81 -12.66 -7.65
N ARG A 79 -8.73 -11.88 -6.59
CA ARG A 79 -9.85 -11.07 -6.15
C ARG A 79 -10.20 -9.99 -7.17
N LYS A 80 -9.18 -9.32 -7.69
CA LYS A 80 -9.39 -8.25 -8.66
C LYS A 80 -9.92 -8.80 -9.98
N ASP A 81 -9.40 -9.95 -10.39
CA ASP A 81 -9.88 -10.64 -11.58
C ASP A 81 -11.34 -11.06 -11.41
N ALA A 82 -11.67 -11.53 -10.20
CA ALA A 82 -13.05 -11.89 -9.88
C ALA A 82 -13.97 -10.68 -10.01
N GLU A 83 -13.51 -9.54 -9.50
CA GLU A 83 -14.28 -8.31 -9.58
C GLU A 83 -14.45 -7.86 -11.04
N ARG A 84 -13.40 -8.01 -11.83
CA ARG A 84 -13.45 -7.61 -13.24
C ARG A 84 -14.40 -8.50 -14.02
N GLN A 85 -14.37 -9.81 -13.75
CA GLN A 85 -15.23 -10.76 -14.43
C GLN A 85 -16.69 -10.58 -14.03
N LEU A 86 -16.93 -10.32 -12.76
CA LEU A 86 -18.31 -10.16 -12.27
C LEU A 86 -18.95 -8.87 -12.77
N LEU A 87 -18.13 -7.85 -12.98
CA LEU A 87 -18.64 -6.56 -13.46
C LEU A 87 -18.68 -6.51 -14.98
N ALA A 88 -18.24 -7.60 -15.62
CA ALA A 88 -18.26 -7.71 -17.07
C ALA A 88 -19.70 -7.75 -17.59
N PRO A 89 -19.89 -7.43 -18.88
CA PRO A 89 -21.25 -7.48 -19.45
C PRO A 89 -21.89 -8.86 -19.39
N GLY A 90 -23.21 -8.90 -19.28
CA GLY A 90 -23.94 -10.15 -19.24
C GLY A 90 -24.15 -10.67 -17.82
N ASN A 91 -23.85 -9.82 -16.84
CA ASN A 91 -24.02 -10.17 -15.44
C ASN A 91 -24.96 -9.21 -14.73
N MET A 92 -25.65 -9.70 -13.71
CA MET A 92 -26.65 -8.89 -13.01
C MET A 92 -26.41 -8.90 -11.50
N LEU A 93 -27.37 -8.34 -10.78
CA LEU A 93 -27.32 -8.29 -9.32
C LEU A 93 -27.34 -9.70 -8.73
N GLY A 94 -26.42 -9.97 -7.82
CA GLY A 94 -26.38 -11.25 -7.16
C GLY A 94 -25.46 -12.26 -7.82
N SER A 95 -25.00 -11.94 -9.02
CA SER A 95 -24.06 -12.78 -9.75
C SER A 95 -22.85 -13.11 -8.90
N PHE A 96 -22.55 -14.39 -8.75
CA PHE A 96 -21.54 -14.82 -7.80
C PHE A 96 -20.55 -15.82 -8.40
N MET A 97 -19.52 -16.12 -7.63
CA MET A 97 -18.56 -17.17 -7.98
C MET A 97 -17.78 -17.61 -6.75
N ILE A 98 -17.34 -18.86 -6.75
CA ILE A 98 -16.46 -19.35 -5.69
C ILE A 98 -15.09 -19.60 -6.28
N ARG A 99 -14.06 -19.23 -5.55
CA ARG A 99 -12.70 -19.26 -6.10
C ARG A 99 -11.66 -19.60 -5.04
N ASP A 100 -10.44 -19.86 -5.50
CA ASP A 100 -9.31 -20.07 -4.60
C ASP A 100 -8.91 -18.76 -3.95
N SER A 101 -8.80 -18.75 -2.64
CA SER A 101 -8.31 -17.57 -1.95
C SER A 101 -6.84 -17.34 -2.28
N GLU A 102 -6.55 -16.14 -2.78
CA GLU A 102 -5.20 -15.80 -3.19
C GLU A 102 -4.32 -15.37 -2.01
N THR A 103 -4.94 -15.18 -0.86
CA THR A 103 -4.19 -14.75 0.32
C THR A 103 -4.25 -15.82 1.41
N THR A 104 -5.20 -16.74 1.28
CA THR A 104 -5.29 -17.86 2.21
C THR A 104 -5.24 -19.18 1.44
N LYS A 105 -4.03 -19.62 1.13
CA LYS A 105 -3.80 -20.84 0.35
C LYS A 105 -4.44 -22.08 0.96
N GLY A 106 -5.22 -22.78 0.16
CA GLY A 106 -5.87 -24.01 0.59
C GLY A 106 -7.35 -23.85 0.87
N SER A 107 -7.80 -22.62 1.00
CA SER A 107 -9.21 -22.35 1.28
C SER A 107 -9.86 -21.57 0.14
N TYR A 108 -11.16 -21.35 0.23
CA TYR A 108 -11.90 -20.70 -0.84
C TYR A 108 -12.56 -19.39 -0.40
N SER A 109 -13.05 -18.64 -1.38
CA SER A 109 -13.72 -17.38 -1.13
C SER A 109 -14.90 -17.19 -2.09
N LEU A 110 -15.89 -16.44 -1.64
CA LEU A 110 -17.10 -16.19 -2.43
C LEU A 110 -17.20 -14.73 -2.85
N SER A 111 -17.26 -14.48 -4.15
CA SER A 111 -17.42 -13.12 -4.66
C SER A 111 -18.83 -12.91 -5.21
N VAL A 112 -19.50 -11.87 -4.72
CA VAL A 112 -20.89 -11.60 -5.07
C VAL A 112 -21.08 -10.16 -5.59
N ARG A 113 -21.89 -10.02 -6.63
CA ARG A 113 -22.18 -8.71 -7.20
C ARG A 113 -23.28 -7.98 -6.42
N ASP A 114 -22.97 -6.77 -5.96
CA ASP A 114 -23.89 -5.98 -5.15
C ASP A 114 -24.09 -4.60 -5.78
N TYR A 115 -24.81 -3.73 -5.07
CA TYR A 115 -25.03 -2.37 -5.50
C TYR A 115 -25.21 -1.45 -4.29
N ASP A 116 -24.63 -0.26 -4.37
CA ASP A 116 -24.80 0.77 -3.35
C ASP A 116 -24.78 2.13 -4.04
N PRO A 117 -25.77 2.97 -3.74
CA PRO A 117 -26.03 4.23 -4.46
C PRO A 117 -24.82 5.17 -4.53
N ARG A 118 -23.90 5.04 -3.59
CA ARG A 118 -22.69 5.87 -3.59
C ARG A 118 -21.71 5.45 -4.68
N GLN A 119 -21.47 4.15 -4.82
CA GLN A 119 -20.47 3.65 -5.76
C GLN A 119 -21.10 3.06 -7.02
N GLY A 120 -22.33 2.56 -6.90
CA GLY A 120 -22.99 1.90 -8.01
C GLY A 120 -22.82 0.39 -7.94
N ASP A 121 -22.69 -0.25 -9.10
CA ASP A 121 -22.44 -1.68 -9.14
C ASP A 121 -21.10 -2.03 -8.50
N THR A 122 -21.13 -2.93 -7.53
CA THR A 122 -19.91 -3.32 -6.81
C THR A 122 -19.75 -4.84 -6.74
N VAL A 123 -18.61 -5.27 -6.22
CA VAL A 123 -18.36 -6.70 -6.01
C VAL A 123 -17.72 -6.90 -4.63
N LYS A 124 -18.44 -7.62 -3.77
CA LYS A 124 -17.95 -7.87 -2.41
C LYS A 124 -17.50 -9.32 -2.23
N HIS A 125 -16.50 -9.52 -1.37
CA HIS A 125 -15.88 -10.83 -1.20
C HIS A 125 -15.93 -11.30 0.25
N TYR A 126 -16.41 -12.52 0.44
CA TYR A 126 -16.46 -13.14 1.75
C TYR A 126 -15.51 -14.34 1.83
N LYS A 127 -14.86 -14.51 2.97
CA LYS A 127 -13.97 -15.65 3.18
C LYS A 127 -14.78 -16.90 3.44
N ILE A 128 -14.34 -18.03 2.91
CA ILE A 128 -14.97 -19.31 3.21
C ILE A 128 -14.04 -20.13 4.09
N ARG A 129 -14.46 -20.37 5.33
CA ARG A 129 -13.67 -21.11 6.29
C ARG A 129 -14.04 -22.59 6.28
N THR A 130 -13.05 -23.46 6.50
CA THR A 130 -13.29 -24.90 6.52
C THR A 130 -13.53 -25.38 7.95
N GLY A 135 -16.22 -29.71 6.09
CA GLY A 135 -17.30 -28.75 6.13
C GLY A 135 -16.86 -27.34 5.76
N PHE A 136 -17.82 -26.49 5.44
CA PHE A 136 -17.52 -25.11 5.07
C PHE A 136 -18.52 -24.15 5.69
N TYR A 137 -18.07 -22.93 5.97
CA TYR A 137 -18.95 -21.90 6.49
C TYR A 137 -18.39 -20.50 6.24
N ILE A 138 -19.30 -19.54 6.06
CA ILE A 138 -18.91 -18.13 5.97
C ILE A 138 -19.17 -17.48 7.32
N SER A 139 -20.34 -17.77 7.88
CA SER A 139 -20.67 -17.37 9.25
C SER A 139 -20.73 -18.60 10.14
N PRO A 140 -20.14 -18.52 11.34
CA PRO A 140 -20.06 -19.62 12.30
C PRO A 140 -21.43 -20.18 12.70
N ARG A 141 -22.49 -19.41 12.50
CA ARG A 141 -23.85 -19.87 12.84
C ARG A 141 -24.36 -20.90 11.83
N SER A 142 -23.94 -20.77 10.58
CA SER A 142 -24.39 -21.68 9.53
C SER A 142 -23.23 -22.48 8.93
N THR A 143 -23.28 -23.80 9.11
CA THR A 143 -22.23 -24.69 8.61
C THR A 143 -22.79 -25.68 7.60
N PHE A 144 -22.06 -25.88 6.50
CA PHE A 144 -22.52 -26.75 5.43
C PHE A 144 -21.52 -27.87 5.14
N SER A 145 -22.03 -29.01 4.69
CA SER A 145 -21.19 -30.18 4.43
C SER A 145 -20.33 -29.97 3.19
N THR A 146 -20.91 -29.36 2.16
CA THR A 146 -20.20 -29.09 0.91
C THR A 146 -20.36 -27.63 0.50
N LEU A 147 -19.57 -27.19 -0.47
CA LEU A 147 -19.70 -25.83 -0.98
C LEU A 147 -21.04 -25.66 -1.69
N GLN A 148 -21.53 -26.75 -2.29
CA GLN A 148 -22.78 -26.73 -3.03
C GLN A 148 -23.95 -26.41 -2.10
N GLU A 149 -23.91 -27.00 -0.91
CA GLU A 149 -24.91 -26.73 0.11
C GLU A 149 -24.88 -25.27 0.50
N LEU A 150 -23.67 -24.72 0.60
CA LEU A 150 -23.49 -23.30 0.91
C LEU A 150 -24.13 -22.40 -0.13
N VAL A 151 -23.81 -22.60 -1.41
CA VAL A 151 -24.40 -21.77 -2.45
C VAL A 151 -25.92 -21.94 -2.45
N ASP A 152 -26.42 -23.18 -2.45
CA ASP A 152 -27.87 -23.40 -2.41
C ASP A 152 -28.53 -22.66 -1.26
N HIS A 153 -27.90 -22.69 -0.08
CA HIS A 153 -28.41 -21.96 1.07
C HIS A 153 -28.49 -20.46 0.80
N TYR A 154 -27.38 -19.88 0.36
CA TYR A 154 -27.32 -18.44 0.13
C TYR A 154 -28.04 -18.01 -1.15
N LYS A 155 -28.66 -18.96 -1.84
CA LYS A 155 -29.49 -18.65 -3.00
C LYS A 155 -30.91 -18.34 -2.54
N LYS A 156 -31.34 -19.01 -1.47
CA LYS A 156 -32.65 -18.75 -0.87
C LYS A 156 -32.49 -17.82 0.33
N GLY A 157 -32.35 -16.53 0.06
CA GLY A 157 -32.13 -15.57 1.13
C GLY A 157 -30.64 -15.31 1.25
N ASN A 158 -30.27 -14.16 1.81
CA ASN A 158 -28.86 -13.82 1.95
C ASN A 158 -28.30 -14.13 3.33
N ASP A 159 -29.19 -14.43 4.28
CA ASP A 159 -28.87 -14.73 5.68
C ASP A 159 -27.52 -14.17 6.18
N GLY A 160 -27.38 -12.86 6.07
CA GLY A 160 -26.18 -12.19 6.53
C GLY A 160 -25.33 -11.59 5.43
N LEU A 161 -25.56 -12.02 4.19
CA LEU A 161 -24.80 -11.47 3.07
C LEU A 161 -25.38 -10.12 2.64
N CYS A 162 -24.63 -9.41 1.80
CA CYS A 162 -25.07 -8.13 1.29
C CYS A 162 -26.04 -8.31 0.12
N GLN A 163 -26.00 -9.50 -0.48
CA GLN A 163 -26.88 -9.86 -1.59
C GLN A 163 -27.21 -11.33 -1.62
N LYS A 164 -28.43 -11.64 -2.06
CA LYS A 164 -28.84 -13.02 -2.25
C LYS A 164 -28.28 -13.54 -3.57
N LEU A 165 -27.73 -14.76 -3.54
CA LEU A 165 -27.14 -15.35 -4.73
C LEU A 165 -28.17 -15.54 -5.84
N SER A 166 -27.80 -15.20 -7.06
CA SER A 166 -28.65 -15.42 -8.22
C SER A 166 -28.01 -16.45 -9.14
N VAL A 167 -27.53 -15.99 -10.30
CA VAL A 167 -26.89 -16.89 -11.25
C VAL A 167 -25.37 -16.82 -11.10
N PRO A 168 -24.66 -17.85 -11.53
CA PRO A 168 -23.19 -17.82 -11.49
C PRO A 168 -22.63 -16.78 -12.47
N CYS A 169 -21.36 -16.44 -12.29
CA CYS A 169 -20.72 -15.45 -13.16
C CYS A 169 -20.56 -16.01 -14.56
N MET A 170 -20.68 -15.15 -15.57
CA MET A 170 -20.52 -15.56 -16.95
C MET A 170 -19.11 -16.08 -17.21
N SER A 171 -19.03 -17.36 -17.59
CA SER A 171 -17.76 -17.97 -17.95
C SER A 171 -17.31 -17.47 -19.31
N SER A 172 -16.01 -17.52 -19.55
CA SER A 172 -15.46 -17.12 -20.84
C SER A 172 -14.53 -18.22 -21.36
N LYS A 173 -14.73 -18.61 -22.61
CA LYS A 173 -13.93 -19.68 -23.21
C LYS A 173 -12.48 -19.26 -23.34
N PRO A 174 -11.57 -20.07 -22.78
CA PRO A 174 -10.14 -19.72 -22.78
C PRO A 174 -9.53 -19.79 -24.17
N GLN A 175 -8.37 -19.16 -24.34
CA GLN A 175 -7.67 -19.17 -25.60
C GLN A 175 -7.19 -20.57 -25.94
N LYS A 176 -7.36 -20.96 -27.20
CA LYS A 176 -6.89 -22.25 -27.65
C LYS A 176 -5.36 -22.28 -27.66
N PRO A 177 -4.76 -23.38 -27.17
CA PRO A 177 -3.31 -23.50 -27.12
C PRO A 177 -2.68 -23.53 -28.50
N TRP A 178 -1.50 -22.94 -28.64
CA TRP A 178 -0.78 -22.93 -29.91
C TRP A 178 -0.36 -24.35 -30.27
N GLU A 179 -0.15 -24.57 -31.57
CA GLU A 179 0.30 -25.87 -32.09
C GLU A 179 1.49 -26.41 -31.31
N LYS A 180 1.42 -27.69 -30.96
CA LYS A 180 2.47 -28.33 -30.16
C LYS A 180 3.82 -28.27 -30.87
N ASP A 181 4.85 -27.87 -30.12
CA ASP A 181 6.21 -27.76 -30.64
C ASP A 181 6.30 -26.93 -31.92
N ALA A 182 5.61 -25.80 -31.94
CA ALA A 182 5.60 -24.92 -33.10
C ALA A 182 6.07 -23.52 -32.76
N TRP A 183 7.20 -23.42 -32.08
CA TRP A 183 7.80 -22.13 -31.75
C TRP A 183 8.46 -21.51 -32.97
N GLU A 184 9.28 -22.30 -33.66
CA GLU A 184 9.85 -21.88 -34.93
C GLU A 184 9.01 -22.43 -36.08
N ILE A 185 8.48 -21.53 -36.91
CA ILE A 185 7.62 -21.93 -38.01
C ILE A 185 8.17 -21.43 -39.34
N PRO A 186 7.86 -22.15 -40.43
CA PRO A 186 8.21 -21.68 -41.77
C PRO A 186 7.26 -20.58 -42.22
N ARG A 187 7.78 -19.58 -42.94
CA ARG A 187 6.98 -18.44 -43.36
C ARG A 187 5.78 -18.86 -44.22
N GLU A 188 5.93 -19.98 -44.92
CA GLU A 188 4.89 -20.48 -45.82
C GLU A 188 3.59 -20.81 -45.10
N SER A 189 3.66 -20.97 -43.78
CA SER A 189 2.49 -21.29 -42.98
C SER A 189 1.65 -20.05 -42.69
N LEU A 190 2.19 -18.88 -43.03
CA LEU A 190 1.53 -17.62 -42.73
C LEU A 190 0.96 -16.95 -43.97
N LYS A 191 -0.17 -16.27 -43.79
CA LYS A 191 -0.75 -15.44 -44.84
C LYS A 191 -1.06 -14.07 -44.25
N LEU A 192 -0.12 -13.14 -44.40
CA LEU A 192 -0.30 -11.80 -43.87
C LEU A 192 -1.40 -11.10 -44.66
N GLU A 193 -2.58 -10.94 -44.05
CA GLU A 193 -3.74 -10.50 -44.80
C GLU A 193 -3.93 -8.98 -44.80
N LYS A 194 -3.66 -8.31 -43.68
CA LYS A 194 -3.84 -6.85 -43.71
C LYS A 194 -2.81 -6.06 -42.89
N LYS A 195 -2.15 -5.12 -43.54
CA LYS A 195 -1.16 -4.27 -42.87
C LYS A 195 -1.84 -3.35 -41.87
N LEU A 196 -1.55 -3.55 -40.60
CA LEU A 196 -2.16 -2.75 -39.53
C LEU A 196 -1.40 -1.44 -39.32
N GLY A 197 -0.08 -1.50 -39.39
CA GLY A 197 0.74 -0.33 -39.22
C GLY A 197 2.15 -0.49 -39.76
N ALA A 198 2.81 0.64 -40.02
CA ALA A 198 4.17 0.63 -40.54
C ALA A 198 5.06 1.58 -39.75
N GLY A 199 6.32 1.19 -39.55
CA GLY A 199 7.24 1.98 -38.76
C GLY A 199 8.67 1.94 -39.26
N GLN A 200 9.57 2.52 -38.47
CA GLN A 200 10.97 2.61 -38.82
C GLN A 200 11.66 1.24 -38.86
N PHE A 201 11.26 0.37 -37.94
CA PHE A 201 11.94 -0.91 -37.77
C PHE A 201 11.18 -2.07 -38.40
N GLY A 202 9.95 -1.82 -38.82
CA GLY A 202 9.16 -2.86 -39.45
C GLY A 202 7.68 -2.56 -39.59
N GLU A 203 6.88 -3.61 -39.73
CA GLU A 203 5.44 -3.48 -39.92
C GLU A 203 4.67 -4.42 -39.00
N VAL A 204 3.36 -4.24 -38.93
CA VAL A 204 2.49 -5.14 -38.18
C VAL A 204 1.30 -5.55 -39.03
N TRP A 205 1.11 -6.86 -39.15
CA TRP A 205 0.06 -7.41 -40.02
C TRP A 205 -0.94 -8.28 -39.28
N MET A 206 -2.14 -8.33 -39.83
CA MET A 206 -3.22 -9.21 -39.40
C MET A 206 -3.18 -10.43 -40.30
N ALA A 207 -2.52 -11.47 -39.82
CA ALA A 207 -2.32 -12.69 -40.60
C ALA A 207 -3.15 -13.88 -40.13
N THR A 208 -2.80 -15.04 -40.70
CA THR A 208 -3.48 -16.29 -40.44
C THR A 208 -2.46 -17.43 -40.53
N TYR A 209 -2.46 -18.27 -39.49
CA TYR A 209 -1.56 -19.41 -39.40
C TYR A 209 -2.28 -20.69 -39.82
N ASN A 210 -1.67 -21.36 -40.78
CA ASN A 210 -2.15 -22.63 -41.36
C ASN A 210 -3.64 -22.63 -41.66
N LYS A 211 -4.15 -21.48 -42.09
CA LYS A 211 -5.51 -21.34 -42.61
C LYS A 211 -6.57 -21.57 -41.52
N HIS A 212 -6.13 -21.77 -40.29
CA HIS A 212 -7.07 -22.12 -39.23
C HIS A 212 -7.03 -21.17 -38.03
N THR A 213 -5.94 -20.43 -37.85
CA THR A 213 -5.86 -19.57 -36.67
C THR A 213 -5.56 -18.11 -37.01
N LYS A 214 -6.37 -17.18 -36.51
CA LYS A 214 -6.11 -15.76 -36.77
C LYS A 214 -5.05 -15.21 -35.83
N VAL A 215 -4.02 -14.58 -36.39
CA VAL A 215 -2.95 -14.02 -35.54
C VAL A 215 -2.48 -12.65 -35.99
N ALA A 216 -1.54 -12.08 -35.25
CA ALA A 216 -0.92 -10.82 -35.63
C ALA A 216 0.59 -11.00 -35.67
N VAL A 217 1.23 -10.51 -36.73
CA VAL A 217 2.65 -10.74 -36.92
C VAL A 217 3.42 -9.43 -37.07
N LYS A 218 4.52 -9.30 -36.33
CA LYS A 218 5.37 -8.13 -36.41
C LYS A 218 6.58 -8.45 -37.28
N THR A 219 6.63 -7.82 -38.45
CA THR A 219 7.73 -8.03 -39.38
C THR A 219 8.85 -7.04 -39.08
N MET A 220 10.07 -7.56 -38.94
CA MET A 220 11.22 -6.75 -38.59
C MET A 220 12.17 -6.56 -39.77
N LYS A 221 12.51 -5.31 -40.06
CA LYS A 221 13.46 -5.01 -41.11
C LYS A 221 14.81 -5.68 -40.83
N PRO A 222 15.45 -6.22 -41.88
CA PRO A 222 16.71 -6.97 -41.76
C PRO A 222 17.84 -6.15 -41.12
N GLY A 223 17.81 -4.84 -41.29
CA GLY A 223 18.81 -3.98 -40.69
C GLY A 223 18.70 -3.96 -39.17
N SER A 224 17.47 -3.91 -38.68
CA SER A 224 17.22 -3.86 -37.25
C SER A 224 17.58 -5.16 -36.55
N LEU A 231 16.72 -13.68 -31.30
CA LEU A 231 16.25 -15.05 -31.15
C LEU A 231 16.39 -15.53 -29.71
N ALA A 232 17.55 -15.27 -29.12
CA ALA A 232 17.79 -15.61 -27.72
C ALA A 232 16.87 -14.79 -26.82
N GLU A 233 16.86 -13.49 -27.04
CA GLU A 233 16.02 -12.58 -26.28
C GLU A 233 14.55 -12.99 -26.39
N ALA A 234 14.16 -13.42 -27.59
CA ALA A 234 12.79 -13.89 -27.82
C ALA A 234 12.53 -15.19 -27.07
N ASN A 235 13.54 -16.05 -27.04
CA ASN A 235 13.46 -17.32 -26.31
C ASN A 235 13.30 -17.06 -24.82
N VAL A 236 13.75 -15.90 -24.38
CA VAL A 236 13.48 -15.44 -23.01
C VAL A 236 12.07 -14.89 -22.91
N MET A 237 11.68 -14.09 -23.90
CA MET A 237 10.36 -13.44 -23.93
C MET A 237 9.20 -14.42 -23.83
N LYS A 238 9.34 -15.57 -24.49
CA LYS A 238 8.25 -16.55 -24.53
C LYS A 238 8.01 -17.18 -23.16
N THR A 239 8.97 -17.03 -22.25
CA THR A 239 8.83 -17.57 -20.90
C THR A 239 8.08 -16.59 -20.00
N LEU A 240 7.88 -15.38 -20.49
CA LEU A 240 7.13 -14.37 -19.75
C LEU A 240 5.65 -14.45 -20.07
N GLN A 241 5.02 -15.54 -19.65
CA GLN A 241 3.60 -15.77 -19.93
C GLN A 241 2.72 -15.26 -18.80
N HIS A 242 1.92 -14.24 -19.11
CA HIS A 242 1.04 -13.63 -18.12
C HIS A 242 -0.18 -13.04 -18.82
N ASP A 243 -1.31 -13.01 -18.12
CA ASP A 243 -2.57 -12.56 -18.70
C ASP A 243 -2.52 -11.10 -19.18
N LYS A 244 -1.61 -10.31 -18.60
CA LYS A 244 -1.53 -8.89 -18.94
C LYS A 244 -0.35 -8.60 -19.85
N LEU A 245 0.29 -9.66 -20.36
CA LEU A 245 1.24 -9.53 -21.44
C LEU A 245 0.68 -10.19 -22.70
N VAL A 246 0.96 -9.62 -23.86
CA VAL A 246 0.52 -10.21 -25.12
C VAL A 246 1.24 -11.54 -25.32
N LYS A 247 0.47 -12.60 -25.58
CA LYS A 247 1.02 -13.93 -25.74
C LYS A 247 1.85 -14.03 -27.01
N LEU A 248 3.05 -14.60 -26.88
CA LEU A 248 3.97 -14.70 -28.00
C LEU A 248 4.02 -16.15 -28.49
N HIS A 249 3.36 -16.41 -29.62
CA HIS A 249 3.16 -17.77 -30.11
C HIS A 249 4.38 -18.35 -30.83
N ALA A 250 4.72 -17.78 -31.98
CA ALA A 250 5.80 -18.33 -32.79
C ALA A 250 6.68 -17.25 -33.43
N VAL A 251 7.78 -17.68 -34.04
CA VAL A 251 8.70 -16.78 -34.72
C VAL A 251 9.25 -17.40 -36.01
N VAL A 252 9.46 -16.56 -37.02
CA VAL A 252 10.17 -16.98 -38.22
C VAL A 252 11.63 -16.55 -38.10
N THR A 253 12.54 -17.50 -38.25
CA THR A 253 13.95 -17.27 -37.94
C THR A 253 14.79 -16.78 -39.12
N LYS A 254 14.17 -16.69 -40.30
CA LYS A 254 14.89 -16.25 -41.49
C LYS A 254 14.53 -14.80 -41.83
N GLU A 255 15.55 -13.96 -41.94
CA GLU A 255 15.37 -12.54 -42.26
C GLU A 255 14.54 -12.34 -43.52
N PRO A 256 13.52 -11.45 -43.45
CA PRO A 256 13.14 -10.66 -42.27
C PRO A 256 12.42 -11.48 -41.20
N ILE A 257 12.77 -11.22 -39.94
CA ILE A 257 12.18 -11.95 -38.82
C ILE A 257 10.72 -11.60 -38.61
N TYR A 258 9.88 -12.63 -38.44
CA TYR A 258 8.47 -12.42 -38.17
C TYR A 258 8.13 -12.87 -36.74
N ILE A 259 7.55 -11.98 -35.96
CA ILE A 259 7.13 -12.31 -34.60
C ILE A 259 5.63 -12.55 -34.54
N ILE A 260 5.23 -13.80 -34.33
CA ILE A 260 3.80 -14.14 -34.38
C ILE A 260 3.19 -14.18 -32.98
N THR A 261 2.28 -13.25 -32.74
CA THR A 261 1.60 -13.11 -31.45
C THR A 261 0.09 -13.16 -31.61
N GLU A 262 -0.61 -13.15 -30.48
CA GLU A 262 -2.07 -13.17 -30.46
C GLU A 262 -2.61 -11.84 -30.98
N PHE A 263 -3.80 -11.88 -31.57
CA PHE A 263 -4.38 -10.69 -32.18
C PHE A 263 -5.31 -9.93 -31.23
N MET A 264 -4.89 -8.72 -30.86
CA MET A 264 -5.71 -7.87 -30.01
C MET A 264 -6.66 -7.05 -30.86
N ALA A 265 -7.95 -7.35 -30.72
CA ALA A 265 -8.99 -6.81 -31.60
C ALA A 265 -9.15 -5.29 -31.51
N LYS A 266 -8.88 -4.73 -30.34
CA LYS A 266 -9.13 -3.30 -30.12
C LYS A 266 -7.88 -2.43 -30.32
N GLY A 267 -6.82 -3.03 -30.85
CA GLY A 267 -5.62 -2.29 -31.17
C GLY A 267 -4.88 -1.72 -29.96
N SER A 268 -4.13 -0.65 -30.19
CA SER A 268 -3.31 -0.04 -29.13
C SER A 268 -4.14 0.75 -28.14
N LEU A 269 -3.62 0.90 -26.92
CA LEU A 269 -4.32 1.61 -25.87
C LEU A 269 -4.51 3.08 -26.21
N LEU A 270 -3.46 3.69 -26.76
CA LEU A 270 -3.49 5.08 -27.18
C LEU A 270 -4.67 5.36 -28.13
N ASP A 271 -4.68 4.66 -29.26
CA ASP A 271 -5.72 4.82 -30.28
C ASP A 271 -7.11 4.55 -29.70
N PHE A 272 -7.19 3.61 -28.76
CA PHE A 272 -8.44 3.31 -28.11
C PHE A 272 -8.91 4.49 -27.28
N LEU A 273 -7.98 5.10 -26.55
CA LEU A 273 -8.27 6.26 -25.71
C LEU A 273 -8.65 7.48 -26.54
N LYS A 274 -8.18 7.53 -27.78
CA LYS A 274 -8.58 8.61 -28.68
C LYS A 274 -9.81 8.24 -29.50
N SER A 275 -10.19 6.98 -29.47
CA SER A 275 -11.43 6.53 -30.11
C SER A 275 -12.64 7.12 -29.41
N ASP A 276 -13.84 6.86 -29.93
CA ASP A 276 -15.06 7.36 -29.31
C ASP A 276 -15.48 6.49 -28.13
N GLU A 277 -15.44 5.18 -28.33
CA GLU A 277 -15.73 4.23 -27.26
C GLU A 277 -14.80 4.47 -26.07
N GLY A 278 -13.54 4.75 -26.37
CA GLY A 278 -12.56 5.06 -25.34
C GLY A 278 -12.85 6.39 -24.69
N SER A 279 -13.46 7.29 -25.44
CA SER A 279 -13.85 8.59 -24.93
C SER A 279 -15.09 8.47 -24.04
N LYS A 280 -15.78 7.34 -24.15
CA LYS A 280 -16.94 7.08 -23.30
C LYS A 280 -16.55 6.38 -22.00
N GLN A 281 -15.28 5.98 -21.90
CA GLN A 281 -14.77 5.30 -20.72
C GLN A 281 -14.63 6.20 -19.51
N PRO A 282 -15.32 5.86 -18.41
CA PRO A 282 -15.28 6.64 -17.17
C PRO A 282 -13.91 6.57 -16.48
N LEU A 283 -13.73 7.38 -15.44
CA LEU A 283 -12.46 7.45 -14.72
C LEU A 283 -12.07 6.13 -14.02
N PRO A 284 -13.02 5.48 -13.31
CA PRO A 284 -12.66 4.18 -12.72
C PRO A 284 -12.19 3.16 -13.74
N LYS A 285 -12.69 3.22 -14.96
CA LYS A 285 -12.26 2.31 -16.02
C LYS A 285 -10.81 2.59 -16.43
N LEU A 286 -10.46 3.88 -16.50
CA LEU A 286 -9.10 4.28 -16.82
C LEU A 286 -8.14 3.79 -15.73
N ILE A 287 -8.55 4.01 -14.49
CA ILE A 287 -7.80 3.55 -13.34
C ILE A 287 -7.63 2.03 -13.38
N ASP A 288 -8.68 1.33 -13.79
CA ASP A 288 -8.65 -0.12 -13.93
C ASP A 288 -7.62 -0.54 -14.97
N PHE A 289 -7.63 0.14 -16.12
CA PHE A 289 -6.64 -0.09 -17.17
C PHE A 289 -5.24 0.04 -16.58
N SER A 290 -5.03 1.11 -15.82
CA SER A 290 -3.75 1.37 -15.19
C SER A 290 -3.37 0.27 -14.20
N ALA A 291 -4.39 -0.32 -13.57
CA ALA A 291 -4.18 -1.41 -12.63
C ALA A 291 -3.75 -2.68 -13.34
N GLN A 292 -4.32 -2.92 -14.51
CA GLN A 292 -3.95 -4.08 -15.32
C GLN A 292 -2.51 -3.94 -15.83
N ILE A 293 -2.21 -2.77 -16.38
CA ILE A 293 -0.85 -2.49 -16.86
C ILE A 293 0.16 -2.61 -15.72
N ALA A 294 -0.20 -2.10 -14.55
CA ALA A 294 0.65 -2.19 -13.38
C ALA A 294 0.84 -3.63 -12.94
N GLU A 295 -0.21 -4.44 -13.10
CA GLU A 295 -0.13 -5.86 -12.78
C GLU A 295 0.87 -6.57 -13.68
N GLY A 296 0.76 -6.32 -14.99
CA GLY A 296 1.69 -6.91 -15.94
C GLY A 296 3.12 -6.49 -15.68
N MET A 297 3.31 -5.19 -15.45
CA MET A 297 4.63 -4.66 -15.14
C MET A 297 5.17 -5.22 -13.83
N ALA A 298 4.25 -5.59 -12.93
CA ALA A 298 4.62 -6.23 -11.68
C ALA A 298 5.11 -7.64 -11.95
N PHE A 299 4.46 -8.31 -12.91
CA PHE A 299 4.91 -9.64 -13.32
C PHE A 299 6.31 -9.58 -13.91
N ILE A 300 6.53 -8.64 -14.83
CA ILE A 300 7.84 -8.42 -15.42
C ILE A 300 8.87 -8.09 -14.34
N GLU A 301 8.46 -7.28 -13.37
CA GLU A 301 9.31 -6.90 -12.25
C GLU A 301 9.75 -8.10 -11.43
N GLN A 302 8.82 -8.98 -11.10
CA GLN A 302 9.11 -10.18 -10.32
C GLN A 302 10.04 -11.11 -11.09
N ARG A 303 9.91 -11.12 -12.41
CA ARG A 303 10.74 -11.96 -13.25
C ARG A 303 12.10 -11.32 -13.53
N ASN A 304 12.32 -10.17 -12.89
CA ASN A 304 13.58 -9.42 -13.03
C ASN A 304 13.87 -9.01 -14.46
N TYR A 305 12.81 -8.86 -15.26
CA TYR A 305 12.97 -8.41 -16.64
C TYR A 305 12.80 -6.90 -16.74
N ILE A 306 12.98 -6.36 -17.94
CA ILE A 306 12.84 -4.93 -18.17
C ILE A 306 12.12 -4.68 -19.50
N HIS A 307 11.25 -3.68 -19.53
CA HIS A 307 10.47 -3.36 -20.72
C HIS A 307 11.27 -2.49 -21.69
N ARG A 308 11.72 -1.34 -21.17
CA ARG A 308 12.61 -0.40 -21.86
C ARG A 308 11.86 0.56 -22.78
N ASP A 309 10.55 0.35 -22.95
CA ASP A 309 9.74 1.28 -23.75
C ASP A 309 8.27 1.23 -23.38
N LEU A 310 7.93 1.74 -22.20
CA LEU A 310 6.56 1.76 -21.72
C LEU A 310 5.80 3.01 -22.15
N ARG A 311 4.68 2.79 -22.83
CA ARG A 311 3.79 3.87 -23.24
C ARG A 311 2.51 3.29 -23.80
N ALA A 312 1.46 4.11 -23.87
CA ALA A 312 0.15 3.69 -24.36
C ALA A 312 0.21 3.07 -25.75
N ALA A 313 1.24 3.45 -26.52
CA ALA A 313 1.42 2.94 -27.86
C ALA A 313 1.86 1.48 -27.83
N ASN A 314 2.52 1.08 -26.76
CA ASN A 314 2.99 -0.30 -26.61
C ASN A 314 2.08 -1.11 -25.69
N ILE A 315 0.90 -0.56 -25.40
CA ILE A 315 -0.13 -1.29 -24.68
C ILE A 315 -1.27 -1.62 -25.64
N LEU A 316 -1.66 -2.89 -25.68
CA LEU A 316 -2.72 -3.33 -26.59
C LEU A 316 -3.99 -3.61 -25.82
N VAL A 317 -5.13 -3.55 -26.52
CA VAL A 317 -6.41 -3.78 -25.88
C VAL A 317 -7.17 -4.90 -26.57
N SER A 318 -7.67 -5.84 -25.78
CA SER A 318 -8.46 -6.94 -26.32
C SER A 318 -9.90 -6.50 -26.50
N ALA A 319 -10.68 -7.31 -27.21
CA ALA A 319 -12.09 -6.99 -27.48
C ALA A 319 -12.89 -6.88 -26.18
N SER A 320 -12.41 -7.53 -25.12
CA SER A 320 -13.09 -7.50 -23.83
C SER A 320 -12.52 -6.42 -22.91
N LEU A 321 -11.72 -5.53 -23.49
CA LEU A 321 -11.16 -4.36 -22.80
C LEU A 321 -10.09 -4.75 -21.79
N VAL A 322 -9.34 -5.79 -22.11
CA VAL A 322 -8.21 -6.20 -21.29
C VAL A 322 -6.92 -5.63 -21.87
N CYS A 323 -6.13 -4.96 -21.03
CA CYS A 323 -4.89 -4.35 -21.48
C CYS A 323 -3.73 -5.35 -21.36
N LYS A 324 -2.92 -5.42 -22.41
CA LYS A 324 -1.77 -6.31 -22.42
C LYS A 324 -0.52 -5.58 -22.87
N ILE A 325 0.57 -5.76 -22.13
CA ILE A 325 1.84 -5.14 -22.45
C ILE A 325 2.46 -5.77 -23.69
N ALA A 326 2.91 -4.94 -24.62
CA ALA A 326 3.54 -5.42 -25.85
C ALA A 326 4.94 -4.89 -26.02
N ASP A 327 5.72 -5.54 -26.87
CA ASP A 327 7.07 -5.10 -27.23
C ASP A 327 8.02 -5.05 -26.04
N PHE A 328 7.74 -5.84 -25.01
CA PHE A 328 8.60 -5.88 -23.84
C PHE A 328 9.96 -6.50 -24.15
N GLY A 329 11.03 -5.80 -23.79
CA GLY A 329 12.38 -6.29 -24.01
C GLY A 329 12.88 -6.09 -25.43
N LEU A 330 11.98 -5.81 -26.35
CA LEU A 330 12.31 -5.67 -27.76
C LEU A 330 13.22 -4.48 -28.03
N ALA A 331 13.09 -3.43 -27.23
CA ALA A 331 13.87 -2.21 -27.41
C ALA A 331 15.36 -2.45 -27.21
N ARG A 332 15.68 -3.49 -26.43
CA ARG A 332 17.07 -3.84 -26.15
C ARG A 332 17.79 -4.36 -27.39
N VAL A 333 17.15 -5.29 -28.08
CA VAL A 333 17.76 -5.96 -29.24
C VAL A 333 18.03 -5.00 -30.40
N ILE A 334 17.19 -3.98 -30.54
CA ILE A 334 17.34 -3.01 -31.62
C ILE A 334 18.66 -2.26 -31.52
N PRO A 348 11.63 8.44 -27.91
CA PRO A 348 10.58 8.74 -26.92
C PRO A 348 11.16 9.28 -25.62
N ILE A 349 11.75 10.47 -25.69
CA ILE A 349 12.38 11.09 -24.52
C ILE A 349 11.36 11.42 -23.43
N LYS A 350 10.12 11.66 -23.84
CA LYS A 350 9.08 12.09 -22.92
C LYS A 350 8.61 10.98 -21.98
N TRP A 351 8.86 9.73 -22.36
CA TRP A 351 8.51 8.60 -21.50
C TRP A 351 9.73 8.08 -20.77
N THR A 352 10.89 8.64 -21.10
CA THR A 352 12.16 8.13 -20.59
C THR A 352 12.61 8.87 -19.34
N ALA A 353 13.05 8.10 -18.34
CA ALA A 353 13.56 8.68 -17.10
C ALA A 353 14.86 9.43 -17.37
N PRO A 354 15.18 10.44 -16.53
CA PRO A 354 16.35 11.29 -16.76
C PRO A 354 17.67 10.54 -16.67
N GLU A 355 17.75 9.52 -15.83
CA GLU A 355 18.98 8.76 -15.68
C GLU A 355 19.17 7.85 -16.88
N ALA A 356 18.08 7.59 -17.58
CA ALA A 356 18.10 6.77 -18.79
C ALA A 356 18.46 7.59 -20.02
N ILE A 357 18.01 8.84 -20.06
CA ILE A 357 18.40 9.80 -21.09
C ILE A 357 19.86 10.24 -20.99
N ASN A 358 20.26 10.65 -19.78
CA ASN A 358 21.61 11.19 -19.58
C ASN A 358 22.73 10.15 -19.61
N PHE A 359 22.52 9.03 -18.93
CA PHE A 359 23.60 8.06 -18.78
C PHE A 359 23.24 6.67 -19.31
N GLY A 360 22.08 6.56 -19.94
CA GLY A 360 21.66 5.31 -20.55
C GLY A 360 21.42 4.21 -19.54
N SER A 361 21.07 4.59 -18.31
CA SER A 361 20.83 3.61 -17.25
C SER A 361 19.37 3.15 -17.26
N PHE A 362 19.11 2.04 -17.94
CA PHE A 362 17.76 1.50 -18.06
C PHE A 362 17.51 0.39 -17.05
N THR A 363 16.57 0.64 -16.14
CA THR A 363 16.20 -0.35 -15.13
C THR A 363 14.68 -0.40 -14.98
N ILE A 364 14.22 -1.14 -13.96
CA ILE A 364 12.79 -1.25 -13.70
C ILE A 364 12.22 0.08 -13.20
N LYS A 365 13.05 0.89 -12.56
CA LYS A 365 12.62 2.17 -12.01
C LYS A 365 12.36 3.19 -13.11
N SER A 366 13.15 3.14 -14.17
CA SER A 366 12.92 3.98 -15.32
C SER A 366 11.59 3.58 -15.96
N ASP A 367 11.26 2.31 -15.84
CA ASP A 367 9.98 1.80 -16.31
C ASP A 367 8.86 2.28 -15.38
N VAL A 368 9.18 2.53 -14.12
CA VAL A 368 8.21 3.12 -13.20
C VAL A 368 7.92 4.57 -13.61
N TRP A 369 8.98 5.29 -13.97
CA TRP A 369 8.85 6.64 -14.51
C TRP A 369 7.95 6.63 -15.74
N SER A 370 8.29 5.75 -16.68
CA SER A 370 7.53 5.57 -17.90
C SER A 370 6.07 5.24 -17.59
N PHE A 371 5.85 4.49 -16.50
CA PHE A 371 4.51 4.15 -16.07
C PHE A 371 3.78 5.38 -15.55
N GLY A 372 4.51 6.30 -14.93
CA GLY A 372 3.93 7.56 -14.51
C GLY A 372 3.43 8.33 -15.72
N ILE A 373 4.31 8.45 -16.72
CA ILE A 373 3.95 9.16 -17.94
C ILE A 373 2.75 8.50 -18.62
N LEU A 374 2.75 7.18 -18.66
CA LEU A 374 1.64 6.41 -19.23
C LEU A 374 0.35 6.67 -18.46
N LEU A 375 0.45 6.74 -17.14
CA LEU A 375 -0.69 7.04 -16.28
C LEU A 375 -1.27 8.39 -16.68
N MET A 376 -0.39 9.35 -16.95
CA MET A 376 -0.84 10.66 -17.40
C MET A 376 -1.51 10.57 -18.78
N GLU A 377 -0.97 9.72 -19.66
CA GLU A 377 -1.58 9.49 -20.97
C GLU A 377 -3.00 8.97 -20.84
N ILE A 378 -3.18 7.97 -19.97
CA ILE A 378 -4.46 7.33 -19.76
C ILE A 378 -5.47 8.30 -19.19
N VAL A 379 -5.08 9.03 -18.14
CA VAL A 379 -6.01 9.94 -17.49
C VAL A 379 -6.38 11.14 -18.38
N THR A 380 -5.52 11.44 -19.36
CA THR A 380 -5.80 12.54 -20.29
C THR A 380 -6.30 12.04 -21.64
N TYR A 381 -6.73 10.78 -21.67
CA TYR A 381 -7.31 10.16 -22.87
C TYR A 381 -6.41 10.24 -24.10
N GLY A 382 -5.14 9.89 -23.95
CA GLY A 382 -4.26 9.76 -25.09
C GLY A 382 -3.48 11.00 -25.48
N ARG A 383 -3.65 12.08 -24.73
CA ARG A 383 -2.93 13.32 -25.00
C ARG A 383 -1.42 13.09 -24.95
N ILE A 384 -0.68 13.88 -25.71
CA ILE A 384 0.78 13.75 -25.75
C ILE A 384 1.40 14.46 -24.55
N PRO A 385 2.32 13.78 -23.86
CA PRO A 385 2.98 14.34 -22.67
C PRO A 385 3.70 15.65 -22.96
N TYR A 386 3.72 16.55 -21.99
CA TYR A 386 4.33 17.86 -22.14
C TYR A 386 3.86 18.58 -23.40
N PRO A 387 2.55 18.87 -23.49
CA PRO A 387 2.00 19.50 -24.70
C PRO A 387 2.59 20.88 -24.98
N GLY A 388 3.09 21.07 -26.19
CA GLY A 388 3.68 22.35 -26.57
C GLY A 388 5.15 22.43 -26.21
N MET A 389 5.74 21.28 -25.91
CA MET A 389 7.15 21.22 -25.53
C MET A 389 7.93 20.24 -26.38
N SER A 390 9.09 20.66 -26.86
CA SER A 390 9.97 19.77 -27.61
C SER A 390 10.80 18.93 -26.66
N ASN A 391 11.45 17.89 -27.18
CA ASN A 391 12.26 16.99 -26.36
C ASN A 391 13.37 17.69 -25.54
N PRO A 392 14.23 18.50 -26.20
CA PRO A 392 15.28 19.13 -25.39
C PRO A 392 14.71 20.09 -24.35
N GLU A 393 13.66 20.81 -24.73
CA GLU A 393 12.94 21.69 -23.82
C GLU A 393 12.45 20.92 -22.61
N VAL A 394 11.94 19.72 -22.84
CA VAL A 394 11.45 18.84 -21.79
C VAL A 394 12.60 18.40 -20.87
N ILE A 395 13.71 17.99 -21.46
CA ILE A 395 14.88 17.57 -20.70
C ILE A 395 15.39 18.69 -19.79
N ARG A 396 15.45 19.90 -20.35
CA ARG A 396 15.91 21.06 -19.59
C ARG A 396 14.91 21.41 -18.50
N ALA A 397 13.64 21.16 -18.76
CA ALA A 397 12.61 21.33 -17.75
C ALA A 397 12.84 20.37 -16.59
N LEU A 398 13.11 19.11 -16.92
CA LEU A 398 13.43 18.09 -15.93
C LEU A 398 14.65 18.46 -15.11
N GLU A 399 15.62 19.11 -15.76
CA GLU A 399 16.81 19.59 -15.06
C GLU A 399 16.44 20.62 -13.98
N ARG A 400 15.41 21.41 -14.26
CA ARG A 400 14.93 22.41 -13.30
C ARG A 400 14.06 21.78 -12.21
N GLY A 401 13.71 20.51 -12.41
CA GLY A 401 12.83 19.82 -11.48
C GLY A 401 11.36 20.01 -11.83
N TYR A 402 11.09 20.26 -13.11
CA TYR A 402 9.71 20.44 -13.57
C TYR A 402 9.00 19.11 -13.75
N ARG A 403 7.70 19.11 -13.45
CA ARG A 403 6.85 17.94 -13.67
C ARG A 403 5.53 18.40 -14.27
N MET A 404 4.82 17.49 -14.92
CA MET A 404 3.52 17.83 -15.51
C MET A 404 2.49 18.15 -14.42
N PRO A 405 1.71 19.22 -14.63
CA PRO A 405 0.62 19.61 -13.72
C PRO A 405 -0.51 18.60 -13.70
N ARG A 406 -1.40 18.70 -12.72
CA ARG A 406 -2.53 17.80 -12.59
C ARG A 406 -3.72 18.24 -13.43
N PRO A 407 -4.18 17.37 -14.34
CA PRO A 407 -5.39 17.61 -15.14
C PRO A 407 -6.63 17.79 -14.25
N GLU A 408 -7.65 18.44 -14.78
CA GLU A 408 -8.86 18.72 -14.00
C GLU A 408 -9.56 17.44 -13.56
N ASN A 409 -9.68 16.48 -14.48
CA ASN A 409 -10.41 15.24 -14.20
C ASN A 409 -9.52 14.15 -13.61
N CYS A 410 -8.36 14.56 -13.09
CA CYS A 410 -7.45 13.61 -12.44
C CYS A 410 -7.52 13.75 -10.93
N PRO A 411 -7.76 12.63 -10.23
CA PRO A 411 -7.79 12.61 -8.76
C PRO A 411 -6.44 12.97 -8.17
N GLU A 412 -6.45 13.69 -7.04
CA GLU A 412 -5.22 14.14 -6.40
C GLU A 412 -4.28 12.99 -6.06
N GLU A 413 -4.85 11.92 -5.51
CA GLU A 413 -4.07 10.76 -5.07
C GLU A 413 -3.37 10.07 -6.24
N LEU A 414 -4.07 9.98 -7.36
CA LEU A 414 -3.51 9.38 -8.56
C LEU A 414 -2.33 10.21 -9.05
N TYR A 415 -2.49 11.54 -8.97
CA TYR A 415 -1.42 12.46 -9.31
C TYR A 415 -0.24 12.29 -8.38
N ASN A 416 -0.51 11.99 -7.11
CA ASN A 416 0.54 11.69 -6.15
C ASN A 416 1.29 10.43 -6.54
N ILE A 417 0.57 9.44 -7.06
CA ILE A 417 1.20 8.22 -7.56
C ILE A 417 2.13 8.55 -8.73
N MET A 418 1.64 9.38 -9.65
CA MET A 418 2.46 9.82 -10.78
C MET A 418 3.72 10.52 -10.28
N MET A 419 3.56 11.42 -9.32
CA MET A 419 4.66 12.16 -8.73
C MET A 419 5.69 11.25 -8.08
N ARG A 420 5.22 10.20 -7.40
CA ARG A 420 6.12 9.25 -6.79
C ARG A 420 6.86 8.47 -7.87
N CYS A 421 6.20 8.29 -9.01
CA CYS A 421 6.84 7.64 -10.15
C CYS A 421 7.87 8.58 -10.78
N TRP A 422 7.69 9.88 -10.58
CA TRP A 422 8.56 10.88 -11.19
C TRP A 422 9.57 11.47 -10.20
N LYS A 423 10.27 10.62 -9.48
CA LYS A 423 11.30 11.07 -8.55
C LYS A 423 12.68 10.97 -9.20
N ASN A 424 13.54 11.94 -8.92
CA ASN A 424 14.87 11.99 -9.52
C ASN A 424 15.69 10.74 -9.23
N ARG A 425 15.83 10.40 -7.96
CA ARG A 425 16.49 9.16 -7.57
C ARG A 425 15.60 7.96 -7.89
N PRO A 426 16.10 7.07 -8.76
CA PRO A 426 15.32 5.88 -9.16
C PRO A 426 15.03 4.95 -7.98
N GLU A 427 15.97 4.83 -7.05
CA GLU A 427 15.80 3.92 -5.92
C GLU A 427 14.66 4.35 -5.00
N GLU A 428 14.29 5.62 -5.06
CA GLU A 428 13.24 6.15 -4.19
C GLU A 428 11.88 6.02 -4.87
N ARG A 429 11.87 5.52 -6.10
CA ARG A 429 10.62 5.28 -6.81
C ARG A 429 9.98 3.96 -6.35
N PRO A 430 8.65 3.93 -6.26
CA PRO A 430 7.92 2.75 -5.79
C PRO A 430 8.13 1.53 -6.66
N THR A 431 7.74 0.36 -6.16
CA THR A 431 7.78 -0.87 -6.93
C THR A 431 6.45 -1.07 -7.66
N PHE A 432 6.48 -1.80 -8.76
CA PHE A 432 5.26 -2.09 -9.52
C PHE A 432 4.29 -2.93 -8.69
N GLU A 433 4.83 -3.70 -7.75
CA GLU A 433 4.01 -4.45 -6.81
C GLU A 433 3.15 -3.51 -5.98
N TYR A 434 3.79 -2.48 -5.42
CA TYR A 434 3.10 -1.49 -4.60
C TYR A 434 2.09 -0.70 -5.42
N ILE A 435 2.51 -0.21 -6.57
CA ILE A 435 1.64 0.54 -7.47
C ILE A 435 0.41 -0.28 -7.85
N GLN A 436 0.63 -1.56 -8.14
CA GLN A 436 -0.47 -2.47 -8.46
C GLN A 436 -1.41 -2.62 -7.29
N SER A 437 -0.85 -2.79 -6.09
CA SER A 437 -1.65 -2.96 -4.88
C SER A 437 -2.52 -1.72 -4.62
N VAL A 438 -1.96 -0.54 -4.85
CA VAL A 438 -2.66 0.71 -4.64
C VAL A 438 -3.76 0.93 -5.69
N LEU A 439 -3.43 0.68 -6.95
CA LEU A 439 -4.36 0.90 -8.05
C LEU A 439 -5.52 -0.10 -8.03
N ASP A 440 -5.23 -1.32 -7.60
CA ASP A 440 -6.26 -2.36 -7.51
C ASP A 440 -7.35 -1.96 -6.53
N ASP A 441 -6.95 -1.55 -5.33
CA ASP A 441 -7.90 -1.12 -4.31
C ASP A 441 -7.87 0.39 -4.14
N PHE A 442 -8.10 1.10 -5.25
CA PHE A 442 -8.04 2.55 -5.25
C PHE A 442 -9.30 3.14 -4.63
N TYR A 443 -10.42 2.45 -4.82
CA TYR A 443 -11.71 2.90 -4.29
C TYR A 443 -12.15 2.06 -3.10
N THR A 444 -11.29 1.16 -2.66
CA THR A 444 -11.62 0.27 -1.54
C THR A 444 -10.66 0.45 -0.37
N ALA A 445 -11.21 0.72 0.81
CA ALA A 445 -10.41 0.81 2.01
C ALA A 445 -9.86 -0.57 2.36
N THR A 446 -8.64 -0.62 2.87
CA THR A 446 -7.96 -1.87 3.18
C THR A 446 -8.84 -2.78 4.06
N GLU A 447 -9.53 -2.17 5.02
CA GLU A 447 -10.38 -2.93 5.93
C GLU A 447 -11.61 -3.50 5.23
N SER A 448 -11.96 -2.92 4.09
CA SER A 448 -13.19 -3.30 3.38
C SER A 448 -12.93 -4.21 2.20
N GLN A 449 -11.75 -4.82 2.14
CA GLN A 449 -11.42 -5.76 1.08
C GLN A 449 -12.31 -7.00 1.16
N PTR A 450 -12.35 -7.62 2.34
CA PTR A 450 -13.21 -8.77 2.58
C PTR A 450 -14.25 -8.44 3.65
O PTR A 450 -13.91 -7.89 4.69
CB PTR A 450 -12.40 -10.00 2.98
CG PTR A 450 -11.74 -10.69 1.81
CD1 PTR A 450 -12.35 -11.75 1.17
CD2 PTR A 450 -10.50 -10.27 1.35
CE1 PTR A 450 -11.75 -12.38 0.09
CE2 PTR A 450 -9.88 -10.89 0.28
CZ PTR A 450 -10.51 -11.95 -0.34
OH PTR A 450 -9.94 -12.53 -1.35
P PTR A 450 -8.90 -13.71 -1.11
O1P PTR A 450 -7.73 -13.16 -0.38
O2P PTR A 450 -8.43 -14.29 -2.46
O3P PTR A 450 -9.56 -14.81 -0.25
N GLU A 451 -15.51 -8.78 3.37
CA GLU A 451 -16.56 -8.54 4.34
C GLU A 451 -16.63 -9.69 5.34
N GLU A 452 -16.79 -9.34 6.62
CA GLU A 452 -16.87 -10.34 7.67
C GLU A 452 -18.29 -10.47 8.20
N ILE A 453 -18.70 -11.72 8.47
CA ILE A 453 -20.07 -11.99 8.91
C ILE A 453 -20.07 -12.77 10.22
N ARG B 8 18.62 42.07 13.02
CA ARG B 8 17.76 42.11 14.21
C ARG B 8 16.55 41.22 14.03
N ILE B 9 16.58 40.04 14.64
CA ILE B 9 15.47 39.10 14.55
C ILE B 9 14.62 39.14 15.81
N ILE B 10 13.31 39.21 15.62
CA ILE B 10 12.36 39.27 16.74
C ILE B 10 11.39 38.11 16.66
N VAL B 11 11.18 37.43 17.79
CA VAL B 11 10.24 36.31 17.85
C VAL B 11 9.11 36.58 18.82
N VAL B 12 8.10 35.72 18.78
CA VAL B 12 6.95 35.81 19.67
C VAL B 12 6.72 34.44 20.31
N ALA B 13 6.24 34.44 21.55
CA ALA B 13 6.05 33.23 22.32
C ALA B 13 4.73 32.54 21.98
N LEU B 14 4.83 31.28 21.56
CA LEU B 14 3.64 30.50 21.22
C LEU B 14 2.91 30.00 22.46
N TYR B 15 3.66 29.83 23.54
CA TYR B 15 3.09 29.31 24.79
C TYR B 15 3.64 30.06 26.01
N ASP B 16 2.99 29.85 27.15
CA ASP B 16 3.52 30.36 28.41
C ASP B 16 4.72 29.51 28.83
N TYR B 17 5.59 30.06 29.67
CA TYR B 17 6.77 29.32 30.10
C TYR B 17 7.30 29.82 31.44
N GLU B 18 7.49 28.89 32.38
CA GLU B 18 8.08 29.22 33.66
C GLU B 18 9.51 28.70 33.71
N ALA B 19 10.45 29.59 33.99
CA ALA B 19 11.86 29.22 34.04
C ALA B 19 12.14 28.37 35.26
N ILE B 20 12.97 27.35 35.09
CA ILE B 20 13.31 26.44 36.19
C ILE B 20 14.80 26.19 36.27
N HIS B 21 15.57 26.79 35.36
CA HIS B 21 17.02 26.66 35.38
C HIS B 21 17.66 27.94 35.90
N HIS B 22 18.98 28.02 35.80
CA HIS B 22 19.72 29.17 36.30
C HIS B 22 19.54 30.41 35.41
N GLU B 23 19.84 30.24 34.13
CA GLU B 23 19.86 31.38 33.21
C GLU B 23 18.81 31.30 32.11
N ASP B 24 17.76 30.50 32.31
CA ASP B 24 16.67 30.45 31.36
C ASP B 24 15.66 31.54 31.68
N LEU B 25 14.83 31.89 30.70
CA LEU B 25 13.97 33.06 30.80
C LEU B 25 12.50 32.71 30.93
N SER B 26 11.77 33.44 31.77
CA SER B 26 10.33 33.27 31.92
C SER B 26 9.58 34.20 30.98
N PHE B 27 8.52 33.69 30.36
CA PHE B 27 7.70 34.49 29.46
C PHE B 27 6.29 33.93 29.30
N GLN B 28 5.39 34.76 28.78
CA GLN B 28 4.02 34.32 28.51
C GLN B 28 3.71 34.46 27.02
N LYS B 29 2.60 33.84 26.60
CA LYS B 29 2.20 33.89 25.21
C LYS B 29 1.93 35.33 24.80
N GLY B 30 2.44 35.72 23.63
CA GLY B 30 2.29 37.07 23.14
C GLY B 30 3.54 37.91 23.32
N ASP B 31 4.35 37.56 24.32
CA ASP B 31 5.58 38.29 24.60
C ASP B 31 6.55 38.18 23.43
N GLN B 32 7.20 39.30 23.10
CA GLN B 32 8.17 39.32 22.00
C GLN B 32 9.59 39.40 22.53
N MET B 33 10.54 38.83 21.79
CA MET B 33 11.93 38.79 22.22
C MET B 33 12.89 39.03 21.06
N VAL B 34 14.12 39.39 21.40
CA VAL B 34 15.16 39.60 20.40
C VAL B 34 16.18 38.47 20.44
N VAL B 35 16.28 37.75 19.33
CA VAL B 35 17.20 36.63 19.24
C VAL B 35 18.65 37.12 19.17
N LEU B 36 19.47 36.61 20.08
CA LEU B 36 20.87 37.01 20.18
C LEU B 36 21.79 35.88 19.72
N GLU B 37 21.30 34.64 19.83
CA GLU B 37 22.08 33.47 19.45
C GLU B 37 21.18 32.26 19.24
N GLU B 38 21.54 31.41 18.29
CA GLU B 38 20.76 30.21 17.98
C GLU B 38 21.61 28.95 18.17
N SER B 39 21.50 28.33 19.33
CA SER B 39 22.34 27.18 19.67
C SER B 39 21.56 25.86 19.68
N GLY B 40 20.41 25.83 19.01
CA GLY B 40 19.62 24.62 18.92
C GLY B 40 18.32 24.67 19.70
N GLU B 41 18.14 23.69 20.59
CA GLU B 41 16.94 23.62 21.41
C GLU B 41 16.82 24.85 22.30
N TRP B 42 17.98 25.39 22.70
CA TRP B 42 18.03 26.58 23.54
C TRP B 42 18.59 27.78 22.79
N TRP B 43 17.83 28.86 22.74
CA TRP B 43 18.29 30.09 22.11
C TRP B 43 18.53 31.15 23.17
N LYS B 44 19.51 32.02 22.96
CA LYS B 44 19.72 33.13 23.88
C LYS B 44 18.97 34.34 23.35
N ALA B 45 18.13 34.95 24.18
CA ALA B 45 17.32 36.08 23.72
C ALA B 45 17.17 37.18 24.76
N ARG B 46 16.52 38.26 24.36
CA ARG B 46 16.19 39.36 25.27
C ARG B 46 14.70 39.69 25.20
N SER B 47 13.99 39.44 26.30
CA SER B 47 12.57 39.72 26.37
C SER B 47 12.28 41.21 26.26
N LEU B 48 11.37 41.59 25.37
CA LEU B 48 10.97 42.98 25.26
C LEU B 48 10.11 43.40 26.44
N ALA B 49 9.51 42.40 27.11
CA ALA B 49 8.60 42.65 28.23
C ALA B 49 9.33 42.85 29.55
N THR B 50 10.38 42.06 29.78
CA THR B 50 11.08 42.09 31.06
C THR B 50 12.50 42.65 30.93
N ARG B 51 12.94 42.87 29.70
CA ARG B 51 14.26 43.43 29.41
C ARG B 51 15.41 42.53 29.87
N LYS B 52 15.06 41.32 30.31
CA LYS B 52 16.06 40.36 30.77
C LYS B 52 16.64 39.56 29.61
N GLU B 53 17.92 39.24 29.71
CA GLU B 53 18.56 38.40 28.71
C GLU B 53 18.77 37.00 29.28
N GLY B 54 18.33 35.99 28.53
CA GLY B 54 18.45 34.62 29.00
C GLY B 54 18.06 33.59 27.95
N TYR B 55 18.19 32.33 28.30
CA TYR B 55 17.87 31.24 27.40
C TYR B 55 16.38 30.94 27.35
N ILE B 56 15.91 30.54 26.17
CA ILE B 56 14.52 30.18 25.95
C ILE B 56 14.46 28.94 25.08
N PRO B 57 13.40 28.14 25.23
CA PRO B 57 13.18 27.01 24.31
C PRO B 57 12.78 27.50 22.92
N SER B 58 13.59 27.16 21.92
CA SER B 58 13.37 27.62 20.55
C SER B 58 12.02 27.17 20.01
N ASN B 59 11.54 26.02 20.46
CA ASN B 59 10.28 25.45 19.98
C ASN B 59 9.06 26.08 20.65
N TYR B 60 9.29 27.11 21.46
CA TYR B 60 8.21 27.83 22.12
C TYR B 60 7.95 29.18 21.46
N VAL B 61 8.81 29.55 20.52
CA VAL B 61 8.71 30.84 19.84
C VAL B 61 8.68 30.70 18.33
N ALA B 62 8.36 31.80 17.65
CA ALA B 62 8.33 31.81 16.19
C ALA B 62 8.40 33.24 15.66
N ARG B 63 8.82 33.40 14.40
CA ARG B 63 8.92 34.71 13.76
C ARG B 63 7.61 35.47 13.89
N VAL B 64 7.68 36.80 14.01
CA VAL B 64 6.46 37.57 14.21
C VAL B 64 5.68 37.61 12.90
N ASP B 65 4.35 37.68 13.01
CA ASP B 65 3.47 37.70 11.85
C ASP B 65 3.67 36.49 10.93
N SER B 66 4.29 35.44 11.46
CA SER B 66 4.47 34.20 10.73
C SER B 66 3.22 33.34 10.83
N LEU B 67 3.24 32.20 10.13
CA LEU B 67 2.06 31.35 10.05
C LEU B 67 1.83 30.58 11.34
N GLU B 68 2.92 30.15 11.96
CA GLU B 68 2.86 29.39 13.21
C GLU B 68 2.16 30.17 14.32
N THR B 69 2.18 31.49 14.20
CA THR B 69 1.60 32.38 15.20
C THR B 69 0.07 32.33 15.19
N GLU B 70 -0.49 31.64 14.21
CA GLU B 70 -1.94 31.54 14.10
C GLU B 70 -2.46 30.33 14.86
N GLU B 71 -3.62 30.49 15.48
CA GLU B 71 -4.18 29.44 16.33
C GLU B 71 -4.69 28.25 15.52
N TRP B 72 -4.80 28.43 14.20
CA TRP B 72 -5.32 27.37 13.34
C TRP B 72 -4.25 26.73 12.44
N PHE B 73 -3.02 27.23 12.52
CA PHE B 73 -1.94 26.66 11.72
C PHE B 73 -1.05 25.73 12.53
N PHE B 74 -0.80 24.54 11.99
CA PHE B 74 0.04 23.55 12.64
C PHE B 74 1.19 23.12 11.72
N LYS B 75 2.41 23.55 12.07
CA LYS B 75 3.57 23.30 11.23
C LYS B 75 4.21 21.93 11.49
N GLY B 76 4.63 21.27 10.42
CA GLY B 76 5.39 20.04 10.51
C GLY B 76 4.66 18.82 11.02
N ILE B 77 3.38 18.70 10.69
CA ILE B 77 2.59 17.53 11.07
C ILE B 77 2.05 16.81 9.83
N SER B 78 2.04 15.49 9.88
CA SER B 78 1.54 14.69 8.77
C SER B 78 0.02 14.67 8.74
N ARG B 79 -0.56 14.05 7.73
CA ARG B 79 -2.01 13.97 7.61
C ARG B 79 -2.56 13.15 8.78
N LYS B 80 -1.87 12.06 9.09
CA LYS B 80 -2.29 11.16 10.15
C LYS B 80 -2.16 11.84 11.51
N ASP B 81 -1.11 12.63 11.69
CA ASP B 81 -0.93 13.42 12.90
C ASP B 81 -2.07 14.41 13.07
N ALA B 82 -2.47 15.02 11.97
CA ALA B 82 -3.61 15.95 11.98
C ALA B 82 -4.88 15.23 12.37
N GLU B 83 -5.07 14.03 11.83
CA GLU B 83 -6.25 13.22 12.12
C GLU B 83 -6.29 12.82 13.60
N ARG B 84 -5.13 12.45 14.14
CA ARG B 84 -5.03 12.05 15.54
C ARG B 84 -5.28 13.25 16.46
N GLN B 85 -4.72 14.39 16.10
CA GLN B 85 -4.86 15.61 16.89
C GLN B 85 -6.29 16.12 16.91
N LEU B 86 -6.95 16.08 15.75
CA LEU B 86 -8.32 16.58 15.64
C LEU B 86 -9.32 15.67 16.35
N LEU B 87 -9.02 14.38 16.40
CA LEU B 87 -9.91 13.42 17.04
C LEU B 87 -9.64 13.31 18.54
N ALA B 88 -8.65 14.06 19.02
CA ALA B 88 -8.30 14.06 20.43
C ALA B 88 -9.43 14.69 21.25
N PRO B 89 -9.48 14.40 22.56
CA PRO B 89 -10.53 14.97 23.40
C PRO B 89 -10.49 16.50 23.43
N GLY B 90 -11.66 17.12 23.62
CA GLY B 90 -11.76 18.56 23.67
C GLY B 90 -12.01 19.20 22.33
N ASN B 91 -12.33 18.38 21.33
CA ASN B 91 -12.63 18.88 20.00
C ASN B 91 -14.03 18.47 19.56
N MET B 92 -14.66 19.30 18.72
CA MET B 92 -16.03 19.07 18.28
C MET B 92 -16.17 19.14 16.77
N LEU B 93 -17.42 19.13 16.30
CA LEU B 93 -17.70 19.25 14.87
C LEU B 93 -17.24 20.61 14.34
N GLY B 94 -16.52 20.58 13.23
CA GLY B 94 -16.05 21.80 12.60
C GLY B 94 -14.65 22.18 13.04
N SER B 95 -14.14 21.50 14.07
CA SER B 95 -12.78 21.73 14.54
C SER B 95 -11.81 21.54 13.37
N PHE B 96 -11.00 22.55 13.12
CA PHE B 96 -10.18 22.58 11.92
C PHE B 96 -8.73 22.96 12.17
N MET B 97 -7.92 22.81 11.13
CA MET B 97 -6.54 23.27 11.16
C MET B 97 -5.97 23.39 9.76
N ILE B 98 -5.00 24.28 9.59
CA ILE B 98 -4.28 24.39 8.33
C ILE B 98 -2.84 23.94 8.55
N ARG B 99 -2.29 23.19 7.59
CA ARG B 99 -0.99 22.56 7.79
C ARG B 99 -0.20 22.47 6.49
N ASP B 100 1.07 22.12 6.61
CA ASP B 100 1.91 21.91 5.43
C ASP B 100 1.52 20.62 4.71
N SER B 101 1.27 20.73 3.41
CA SER B 101 0.95 19.57 2.57
C SER B 101 2.17 18.65 2.51
N GLU B 102 1.98 17.39 2.91
CA GLU B 102 3.10 16.46 2.98
C GLU B 102 3.35 15.80 1.63
N THR B 103 2.42 16.04 0.71
CA THR B 103 2.51 15.47 -0.64
C THR B 103 2.63 16.57 -1.68
N THR B 104 2.31 17.80 -1.28
CA THR B 104 2.46 18.96 -2.15
C THR B 104 3.36 19.97 -1.48
N LYS B 105 4.67 19.76 -1.61
CA LYS B 105 5.67 20.61 -0.97
C LYS B 105 5.52 22.07 -1.40
N GLY B 106 5.41 22.96 -0.42
CA GLY B 106 5.30 24.38 -0.71
C GLY B 106 3.89 24.89 -0.56
N SER B 107 2.93 23.97 -0.51
CA SER B 107 1.52 24.34 -0.42
C SER B 107 0.90 23.88 0.90
N TYR B 108 -0.35 24.25 1.12
CA TYR B 108 -1.01 23.95 2.39
C TYR B 108 -2.26 23.09 2.22
N SER B 109 -2.75 22.58 3.34
CA SER B 109 -3.95 21.74 3.34
C SER B 109 -4.81 22.04 4.57
N LEU B 110 -6.11 21.83 4.42
CA LEU B 110 -7.07 22.08 5.49
C LEU B 110 -7.69 20.79 6.00
N SER B 111 -7.53 20.53 7.29
CA SER B 111 -8.12 19.34 7.90
C SER B 111 -9.29 19.76 8.80
N VAL B 112 -10.45 19.14 8.57
CA VAL B 112 -11.68 19.50 9.27
C VAL B 112 -12.30 18.27 9.91
N ARG B 113 -12.80 18.42 11.14
CA ARG B 113 -13.43 17.32 11.85
C ARG B 113 -14.90 17.18 11.46
N ASP B 114 -15.26 15.98 11.05
CA ASP B 114 -16.60 15.66 10.56
C ASP B 114 -17.17 14.48 11.38
N TYR B 115 -18.31 13.97 10.94
CA TYR B 115 -18.96 12.84 11.57
C TYR B 115 -19.68 12.00 10.53
N ASP B 116 -19.61 10.68 10.70
CA ASP B 116 -20.30 9.75 9.82
C ASP B 116 -20.74 8.55 10.65
N PRO B 117 -22.04 8.21 10.62
CA PRO B 117 -22.64 7.21 11.51
C PRO B 117 -22.00 5.83 11.38
N ARG B 118 -21.39 5.55 10.23
CA ARG B 118 -20.71 4.28 10.01
C ARG B 118 -19.38 4.25 10.77
N GLN B 119 -18.65 5.34 10.72
CA GLN B 119 -17.32 5.42 11.32
C GLN B 119 -17.31 6.18 12.64
N GLY B 120 -18.26 7.10 12.79
CA GLY B 120 -18.30 7.97 13.95
C GLY B 120 -17.62 9.28 13.63
N ASP B 121 -16.91 9.84 14.60
CA ASP B 121 -16.13 11.05 14.38
C ASP B 121 -15.02 10.78 13.36
N THR B 122 -14.97 11.62 12.33
CA THR B 122 -13.97 11.46 11.27
C THR B 122 -13.20 12.75 11.05
N VAL B 123 -12.15 12.67 10.22
CA VAL B 123 -11.39 13.86 9.86
C VAL B 123 -11.13 13.87 8.36
N LYS B 124 -11.65 14.87 7.68
CA LYS B 124 -11.49 14.96 6.23
C LYS B 124 -10.53 16.07 5.84
N HIS B 125 -9.81 15.86 4.73
CA HIS B 125 -8.75 16.77 4.33
C HIS B 125 -8.95 17.32 2.93
N TYR B 126 -8.88 18.64 2.80
CA TYR B 126 -8.97 19.30 1.51
C TYR B 126 -7.64 19.94 1.14
N LYS B 127 -7.27 19.87 -0.14
CA LYS B 127 -6.05 20.51 -0.61
C LYS B 127 -6.29 22.00 -0.75
N ILE B 128 -5.29 22.81 -0.41
CA ILE B 128 -5.42 24.25 -0.63
C ILE B 128 -4.51 24.69 -1.78
N ARG B 129 -5.14 25.12 -2.87
CA ARG B 129 -4.41 25.56 -4.05
C ARG B 129 -4.24 27.08 -4.03
N THR B 130 -3.10 27.56 -4.54
CA THR B 130 -2.84 28.98 -4.58
C THR B 130 -3.25 29.59 -5.91
N GLY B 135 -2.96 34.54 -3.57
CA GLY B 135 -4.32 34.13 -3.28
C GLY B 135 -4.43 32.64 -3.01
N PHE B 136 -5.54 32.23 -2.41
CA PHE B 136 -5.77 30.83 -2.09
C PHE B 136 -7.22 30.45 -2.37
N TYR B 137 -7.45 29.19 -2.72
CA TYR B 137 -8.80 28.70 -2.95
C TYR B 137 -8.90 27.18 -2.78
N ILE B 138 -10.05 26.72 -2.31
CA ILE B 138 -10.35 25.30 -2.28
C ILE B 138 -11.25 25.00 -3.48
N SER B 139 -12.24 25.87 -3.68
CA SER B 139 -13.07 25.85 -4.88
C SER B 139 -12.77 27.09 -5.72
N PRO B 140 -12.63 26.90 -7.05
CA PRO B 140 -12.30 27.98 -7.98
C PRO B 140 -13.28 29.14 -7.95
N ARG B 141 -14.49 28.91 -7.46
CA ARG B 141 -15.50 29.96 -7.37
C ARG B 141 -15.18 30.97 -6.27
N SER B 142 -14.55 30.49 -5.19
CA SER B 142 -14.24 31.35 -4.06
C SER B 142 -12.73 31.50 -3.87
N THR B 143 -12.23 32.71 -4.04
CA THR B 143 -10.81 32.99 -3.92
C THR B 143 -10.59 34.02 -2.80
N PHE B 144 -9.58 33.79 -1.97
CA PHE B 144 -9.32 34.67 -0.84
C PHE B 144 -7.91 35.23 -0.87
N SER B 145 -7.75 36.44 -0.34
CA SER B 145 -6.47 37.13 -0.34
C SER B 145 -5.50 36.47 0.64
N THR B 146 -6.02 36.07 1.80
CA THR B 146 -5.22 35.41 2.82
C THR B 146 -5.88 34.12 3.30
N LEU B 147 -5.13 33.32 4.04
CA LEU B 147 -5.67 32.09 4.63
C LEU B 147 -6.72 32.45 5.69
N GLN B 148 -6.53 33.61 6.33
CA GLN B 148 -7.43 34.08 7.35
C GLN B 148 -8.82 34.34 6.77
N GLU B 149 -8.85 34.93 5.58
CA GLU B 149 -10.09 35.18 4.87
C GLU B 149 -10.80 33.86 4.55
N LEU B 150 -10.00 32.86 4.17
CA LEU B 150 -10.52 31.52 3.91
C LEU B 150 -11.20 30.96 5.16
N VAL B 151 -10.49 31.03 6.28
CA VAL B 151 -11.01 30.54 7.55
C VAL B 151 -12.31 31.24 7.95
N ASP B 152 -12.27 32.57 7.95
CA ASP B 152 -13.45 33.40 8.23
C ASP B 152 -14.64 33.06 7.34
N HIS B 153 -14.38 32.90 6.05
CA HIS B 153 -15.41 32.54 5.09
C HIS B 153 -16.06 31.20 5.40
N TYR B 154 -15.24 30.16 5.51
CA TYR B 154 -15.77 28.82 5.74
C TYR B 154 -16.20 28.61 7.20
N LYS B 155 -16.02 29.65 8.02
CA LYS B 155 -16.51 29.62 9.40
C LYS B 155 -17.92 30.19 9.49
N LYS B 156 -18.23 31.15 8.62
CA LYS B 156 -19.54 31.78 8.60
C LYS B 156 -20.47 31.12 7.58
N GLY B 157 -20.03 30.01 7.01
CA GLY B 157 -20.83 29.31 6.02
C GLY B 157 -20.17 28.04 5.51
N ASN B 158 -20.99 27.11 5.06
CA ASN B 158 -20.51 25.86 4.50
C ASN B 158 -20.56 25.89 2.97
N ASP B 159 -19.51 26.41 2.35
CA ASP B 159 -19.47 26.54 0.89
C ASP B 159 -18.87 25.31 0.21
N GLY B 160 -19.48 24.16 0.42
CA GLY B 160 -19.03 22.95 -0.24
C GLY B 160 -18.34 21.94 0.66
N LEU B 161 -17.98 22.36 1.86
CA LEU B 161 -17.27 21.48 2.78
C LEU B 161 -18.22 20.48 3.42
N CYS B 162 -17.66 19.49 4.09
CA CYS B 162 -18.45 18.47 4.76
C CYS B 162 -18.95 18.97 6.12
N GLN B 163 -18.29 20.00 6.62
CA GLN B 163 -18.66 20.63 7.89
C GLN B 163 -18.30 22.11 7.87
N LYS B 164 -19.12 22.92 8.54
CA LYS B 164 -18.81 24.34 8.69
C LYS B 164 -17.77 24.51 9.78
N LEU B 165 -16.78 25.35 9.53
CA LEU B 165 -15.68 25.56 10.47
C LEU B 165 -16.17 26.06 11.82
N SER B 166 -15.62 25.50 12.88
CA SER B 166 -15.94 25.94 14.24
C SER B 166 -14.73 26.60 14.88
N VAL B 167 -14.16 25.93 15.88
CA VAL B 167 -12.98 26.44 16.56
C VAL B 167 -11.72 25.76 16.02
N PRO B 168 -10.56 26.40 16.20
CA PRO B 168 -9.31 25.73 15.78
C PRO B 168 -9.04 24.51 16.63
N CYS B 169 -8.12 23.64 16.18
CA CYS B 169 -7.81 22.43 16.92
C CYS B 169 -7.10 22.77 18.22
N MET B 170 -7.37 21.97 19.24
CA MET B 170 -6.75 22.17 20.55
C MET B 170 -5.23 22.03 20.46
N SER B 171 -4.53 23.12 20.77
CA SER B 171 -3.07 23.10 20.78
C SER B 171 -2.58 22.35 22.00
N SER B 172 -1.36 21.80 21.90
CA SER B 172 -0.75 21.13 23.04
C SER B 172 0.66 21.67 23.25
N LYS B 173 0.96 22.06 24.49
CA LYS B 173 2.27 22.60 24.81
C LYS B 173 3.34 21.52 24.69
N PRO B 174 4.38 21.79 23.90
CA PRO B 174 5.43 20.81 23.61
C PRO B 174 6.28 20.50 24.85
N GLN B 175 7.02 19.41 24.79
CA GLN B 175 7.89 19.03 25.89
C GLN B 175 8.99 20.06 26.01
N LYS B 176 9.28 20.48 27.24
CA LYS B 176 10.37 21.42 27.46
C LYS B 176 11.69 20.73 27.18
N PRO B 177 12.61 21.45 26.52
CA PRO B 177 13.92 20.87 26.16
C PRO B 177 14.75 20.56 27.40
N TRP B 178 15.51 19.47 27.33
CA TRP B 178 16.37 19.07 28.44
C TRP B 178 17.48 20.10 28.63
N GLU B 179 18.01 20.18 29.85
CA GLU B 179 19.11 21.08 30.19
C GLU B 179 20.24 21.00 29.17
N LYS B 180 20.71 22.16 28.73
CA LYS B 180 21.79 22.25 27.74
C LYS B 180 23.06 21.57 28.24
N ASP B 181 23.66 20.75 27.38
CA ASP B 181 24.90 20.03 27.69
C ASP B 181 24.79 19.21 28.96
N ALA B 182 23.66 18.51 29.12
CA ALA B 182 23.44 17.68 30.29
C ALA B 182 23.14 16.24 29.89
N TRP B 183 23.97 15.69 29.02
CA TRP B 183 23.82 14.30 28.60
C TRP B 183 24.32 13.37 29.69
N GLU B 184 25.53 13.63 30.18
CA GLU B 184 26.04 12.93 31.35
C GLU B 184 25.79 13.76 32.59
N ILE B 185 25.06 13.19 33.54
CA ILE B 185 24.68 13.91 34.75
C ILE B 185 25.19 13.20 35.99
N PRO B 186 25.44 13.95 37.08
CA PRO B 186 25.80 13.31 38.34
C PRO B 186 24.57 12.70 39.00
N ARG B 187 24.74 11.54 39.63
CA ARG B 187 23.63 10.83 40.23
C ARG B 187 22.93 11.68 41.29
N GLU B 188 23.69 12.58 41.91
CA GLU B 188 23.18 13.46 42.96
C GLU B 188 22.04 14.37 42.49
N SER B 189 21.95 14.56 41.18
CA SER B 189 20.91 15.41 40.60
C SER B 189 19.57 14.69 40.53
N LEU B 190 19.60 13.39 40.80
CA LEU B 190 18.39 12.57 40.68
C LEU B 190 17.85 12.16 42.04
N LYS B 191 16.53 12.09 42.15
CA LYS B 191 15.88 11.55 43.33
C LYS B 191 14.83 10.53 42.93
N LEU B 192 15.21 9.26 42.93
CA LEU B 192 14.29 8.18 42.58
C LEU B 192 13.22 8.04 43.66
N GLU B 193 11.99 8.48 43.35
CA GLU B 193 10.95 8.61 44.37
C GLU B 193 10.08 7.36 44.52
N LYS B 194 9.76 6.71 43.42
CA LYS B 194 8.90 5.53 43.48
C LYS B 194 9.31 4.46 42.47
N LYS B 195 9.56 3.25 42.98
CA LYS B 195 9.91 2.12 42.13
C LYS B 195 8.73 1.67 41.27
N LEU B 196 8.87 1.81 39.96
CA LEU B 196 7.80 1.43 39.05
C LEU B 196 7.86 -0.06 38.77
N GLY B 197 9.06 -0.60 38.63
CA GLY B 197 9.20 -2.02 38.37
C GLY B 197 10.59 -2.57 38.67
N ALA B 198 10.66 -3.89 38.86
CA ALA B 198 11.92 -4.55 39.14
C ALA B 198 12.08 -5.77 38.25
N GLY B 199 13.30 -6.01 37.77
CA GLY B 199 13.53 -7.11 36.85
C GLY B 199 14.88 -7.78 37.00
N GLN B 200 15.18 -8.67 36.05
CA GLN B 200 16.42 -9.44 36.06
C GLN B 200 17.65 -8.56 35.87
N PHE B 201 17.53 -7.52 35.04
CA PHE B 201 18.68 -6.72 34.65
C PHE B 201 18.73 -5.38 35.37
N GLY B 202 17.63 -5.03 36.05
CA GLY B 202 17.59 -3.77 36.77
C GLY B 202 16.20 -3.35 37.20
N GLU B 203 16.04 -2.05 37.43
CA GLU B 203 14.77 -1.50 37.89
C GLU B 203 14.34 -0.29 37.08
N VAL B 204 13.08 0.13 37.26
CA VAL B 204 12.56 1.33 36.65
C VAL B 204 11.84 2.17 37.70
N TRP B 205 12.26 3.43 37.82
CA TRP B 205 11.77 4.34 38.84
C TRP B 205 11.11 5.59 38.26
N MET B 206 10.17 6.16 39.00
CA MET B 206 9.58 7.45 38.64
C MET B 206 10.28 8.53 39.44
N ALA B 207 11.32 9.14 38.85
CA ALA B 207 12.18 10.07 39.58
C ALA B 207 11.94 11.55 39.28
N THR B 208 12.90 12.36 39.71
CA THR B 208 12.86 13.80 39.55
C THR B 208 14.28 14.32 39.35
N TYR B 209 14.46 15.15 38.33
CA TYR B 209 15.77 15.72 38.01
C TYR B 209 15.88 17.16 38.51
N ASN B 210 16.90 17.41 39.33
CA ASN B 210 17.17 18.73 39.90
C ASN B 210 15.93 19.45 40.46
N LYS B 211 15.02 18.67 41.03
CA LYS B 211 13.88 19.20 41.78
C LYS B 211 12.84 19.93 40.93
N HIS B 212 13.03 19.96 39.62
CA HIS B 212 12.14 20.74 38.76
C HIS B 212 11.49 19.95 37.63
N THR B 213 12.07 18.82 37.24
CA THR B 213 11.55 18.04 36.13
C THR B 213 11.31 16.58 36.51
N LYS B 214 10.10 16.10 36.24
CA LYS B 214 9.73 14.72 36.49
C LYS B 214 10.22 13.83 35.35
N VAL B 215 10.95 12.76 35.69
CA VAL B 215 11.48 11.85 34.69
C VAL B 215 11.31 10.39 35.12
N ALA B 216 11.76 9.48 34.27
CA ALA B 216 11.79 8.05 34.59
C ALA B 216 13.19 7.53 34.40
N VAL B 217 13.66 6.73 35.37
CA VAL B 217 15.04 6.26 35.31
C VAL B 217 15.12 4.73 35.32
N LYS B 218 15.88 4.18 34.39
CA LYS B 218 16.11 2.74 34.37
C LYS B 218 17.51 2.44 34.91
N THR B 219 17.55 1.83 36.09
CA THR B 219 18.81 1.46 36.73
C THR B 219 19.23 0.08 36.26
N MET B 220 20.48 -0.05 35.80
CA MET B 220 20.94 -1.31 35.26
C MET B 220 21.92 -2.02 36.20
N LYS B 221 21.62 -3.28 36.52
CA LYS B 221 22.51 -4.11 37.33
C LYS B 221 23.86 -4.30 36.64
N PRO B 222 24.96 -4.26 37.43
CA PRO B 222 26.32 -4.40 36.91
C PRO B 222 26.53 -5.73 36.19
N LEU B 231 27.85 2.79 26.66
CA LEU B 231 28.09 4.23 26.54
C LEU B 231 28.06 4.68 25.09
N ALA B 232 28.76 3.93 24.23
CA ALA B 232 28.77 4.19 22.80
C ALA B 232 27.38 3.97 22.22
N GLU B 233 26.80 2.82 22.53
CA GLU B 233 25.47 2.47 22.06
C GLU B 233 24.45 3.52 22.46
N ALA B 234 24.58 4.05 23.67
CA ALA B 234 23.68 5.10 24.14
C ALA B 234 23.89 6.39 23.35
N ASN B 235 25.15 6.67 23.02
CA ASN B 235 25.49 7.83 22.22
C ASN B 235 24.91 7.72 20.82
N VAL B 236 24.66 6.48 20.39
CA VAL B 236 23.91 6.25 19.15
C VAL B 236 22.42 6.43 19.38
N MET B 237 21.92 5.87 20.48
CA MET B 237 20.51 5.92 20.84
C MET B 237 19.95 7.34 20.92
N LYS B 238 20.76 8.26 21.45
CA LYS B 238 20.30 9.63 21.64
C LYS B 238 20.09 10.36 20.32
N THR B 239 20.63 9.80 19.24
CA THR B 239 20.46 10.39 17.91
C THR B 239 19.17 9.92 17.27
N LEU B 240 18.53 8.91 17.86
CA LEU B 240 17.27 8.39 17.36
C LEU B 240 16.09 9.13 17.99
N GLN B 241 15.95 10.40 17.66
CA GLN B 241 14.87 11.22 18.24
C GLN B 241 13.66 11.22 17.32
N HIS B 242 12.56 10.65 17.81
CA HIS B 242 11.34 10.54 17.04
C HIS B 242 10.13 10.55 17.99
N ASP B 243 9.01 11.07 17.52
CA ASP B 243 7.82 11.21 18.37
C ASP B 243 7.30 9.87 18.88
N LYS B 244 7.62 8.80 18.17
CA LYS B 244 7.13 7.47 18.53
C LYS B 244 8.23 6.65 19.17
N LEU B 245 9.35 7.31 19.49
CA LEU B 245 10.38 6.70 20.33
C LEU B 245 10.40 7.43 21.66
N VAL B 246 10.65 6.70 22.75
CA VAL B 246 10.75 7.32 24.06
C VAL B 246 11.99 8.22 24.09
N LYS B 247 11.80 9.47 24.52
CA LYS B 247 12.90 10.43 24.53
C LYS B 247 13.95 10.05 25.57
N LEU B 248 15.20 10.07 25.15
CA LEU B 248 16.31 9.68 26.03
C LEU B 248 17.08 10.93 26.43
N HIS B 249 16.85 11.40 27.66
CA HIS B 249 17.39 12.67 28.11
C HIS B 249 18.85 12.60 28.54
N ALA B 250 19.13 11.87 29.63
CA ALA B 250 20.48 11.82 30.17
C ALA B 250 20.85 10.42 30.66
N VAL B 251 22.11 10.25 31.02
CA VAL B 251 22.62 8.99 31.55
C VAL B 251 23.65 9.21 32.66
N VAL B 252 23.64 8.33 33.66
CA VAL B 252 24.69 8.31 34.67
C VAL B 252 25.74 7.27 34.27
N THR B 253 26.99 7.70 34.19
CA THR B 253 28.04 6.87 33.58
C THR B 253 28.78 5.99 34.59
N LYS B 254 28.47 6.13 35.87
CA LYS B 254 29.13 5.34 36.90
C LYS B 254 28.23 4.21 37.38
N GLU B 255 28.74 2.98 37.33
CA GLU B 255 27.99 1.81 37.76
C GLU B 255 27.45 1.96 39.18
N PRO B 256 26.16 1.64 39.38
CA PRO B 256 25.23 1.17 38.36
C PRO B 256 24.75 2.28 37.40
N ILE B 257 24.66 1.96 36.12
CA ILE B 257 24.27 2.93 35.11
C ILE B 257 22.80 3.30 35.24
N TYR B 258 22.51 4.60 35.18
CA TYR B 258 21.15 5.09 35.22
C TYR B 258 20.78 5.70 33.88
N ILE B 259 19.69 5.22 33.28
CA ILE B 259 19.22 5.77 32.02
C ILE B 259 18.00 6.66 32.24
N ILE B 260 18.18 7.96 32.03
CA ILE B 260 17.13 8.92 32.32
C ILE B 260 16.34 9.27 31.06
N THR B 261 15.08 8.89 31.05
CA THR B 261 14.20 9.09 29.89
C THR B 261 12.94 9.85 30.29
N GLU B 262 12.10 10.17 29.31
CA GLU B 262 10.85 10.87 29.57
C GLU B 262 9.89 9.94 30.29
N PHE B 263 9.00 10.52 31.10
CA PHE B 263 8.09 9.74 31.92
C PHE B 263 6.76 9.50 31.20
N MET B 264 6.52 8.24 30.83
CA MET B 264 5.28 7.85 30.19
C MET B 264 4.21 7.52 31.24
N ALA B 265 3.19 8.37 31.31
CA ALA B 265 2.22 8.31 32.42
C ALA B 265 1.39 7.04 32.48
N LYS B 266 1.09 6.43 31.33
CA LYS B 266 0.19 5.29 31.30
C LYS B 266 0.92 3.95 31.28
N GLY B 267 2.22 3.99 31.50
CA GLY B 267 3.02 2.77 31.61
C GLY B 267 3.13 1.98 30.32
N SER B 268 3.35 0.68 30.45
CA SER B 268 3.55 -0.19 29.30
C SER B 268 2.26 -0.46 28.56
N LEU B 269 2.37 -0.77 27.28
CA LEU B 269 1.20 -1.02 26.44
C LEU B 269 0.42 -2.24 26.90
N LEU B 270 1.15 -3.30 27.25
CA LEU B 270 0.55 -4.54 27.76
C LEU B 270 -0.39 -4.29 28.93
N ASP B 271 0.17 -3.72 30.00
CA ASP B 271 -0.57 -3.43 31.22
C ASP B 271 -1.75 -2.52 30.95
N PHE B 272 -1.58 -1.61 29.99
CA PHE B 272 -2.66 -0.72 29.58
C PHE B 272 -3.78 -1.49 28.91
N LEU B 273 -3.41 -2.44 28.06
CA LEU B 273 -4.38 -3.26 27.36
C LEU B 273 -5.15 -4.14 28.35
N LYS B 274 -4.53 -4.43 29.49
CA LYS B 274 -5.27 -5.15 30.52
C LYS B 274 -5.94 -4.18 31.50
N SER B 275 -5.51 -2.93 31.49
CA SER B 275 -6.16 -1.90 32.30
C SER B 275 -7.55 -1.63 31.74
N ASP B 276 -8.59 -1.93 32.53
CA ASP B 276 -10.00 -1.75 32.17
C ASP B 276 -10.31 -0.72 31.08
N GLU B 277 -9.66 0.43 31.17
CA GLU B 277 -9.75 1.46 30.13
C GLU B 277 -9.30 0.89 28.79
N GLY B 278 -8.24 0.09 28.82
CA GLY B 278 -7.74 -0.56 27.63
C GLY B 278 -8.70 -1.62 27.13
N SER B 279 -9.46 -2.21 28.06
CA SER B 279 -10.46 -3.19 27.69
C SER B 279 -11.66 -2.50 27.07
N LYS B 280 -11.78 -1.20 27.30
CA LYS B 280 -12.84 -0.43 26.66
C LYS B 280 -12.40 0.18 25.33
N GLN B 281 -11.10 0.07 25.02
CA GLN B 281 -10.57 0.63 23.78
C GLN B 281 -11.05 -0.14 22.56
N PRO B 282 -11.74 0.54 21.64
CA PRO B 282 -12.26 -0.07 20.42
C PRO B 282 -11.17 -0.53 19.47
N LEU B 283 -11.55 -1.27 18.43
CA LEU B 283 -10.61 -1.83 17.47
C LEU B 283 -9.84 -0.78 16.64
N PRO B 284 -10.51 0.26 16.10
CA PRO B 284 -9.75 1.27 15.36
C PRO B 284 -8.65 1.93 16.19
N LYS B 285 -8.87 2.04 17.50
CA LYS B 285 -7.86 2.58 18.39
C LYS B 285 -6.66 1.65 18.47
N LEU B 286 -6.93 0.35 18.49
CA LEU B 286 -5.87 -0.66 18.48
C LEU B 286 -5.05 -0.57 17.21
N ILE B 287 -5.75 -0.50 16.08
CA ILE B 287 -5.08 -0.31 14.79
C ILE B 287 -4.24 0.96 14.81
N ASP B 288 -4.77 2.01 15.43
CA ASP B 288 -4.03 3.27 15.55
C ASP B 288 -2.74 3.10 16.34
N PHE B 289 -2.83 2.41 17.49
CA PHE B 289 -1.66 2.08 18.29
C PHE B 289 -0.62 1.38 17.45
N SER B 290 -1.08 0.38 16.71
CA SER B 290 -0.20 -0.41 15.84
C SER B 290 0.42 0.44 14.75
N ALA B 291 -0.32 1.45 14.31
CA ALA B 291 0.17 2.38 13.30
C ALA B 291 1.28 3.26 13.86
N GLN B 292 1.12 3.66 15.11
CA GLN B 292 2.14 4.46 15.78
C GLN B 292 3.42 3.65 15.97
N ILE B 293 3.27 2.44 16.49
CA ILE B 293 4.40 1.54 16.68
C ILE B 293 5.09 1.26 15.33
N ALA B 294 4.28 1.07 14.30
CA ALA B 294 4.80 0.83 12.95
C ALA B 294 5.55 2.05 12.44
N GLU B 295 5.08 3.24 12.80
CA GLU B 295 5.74 4.48 12.43
C GLU B 295 7.12 4.57 13.07
N GLY B 296 7.18 4.28 14.37
CA GLY B 296 8.45 4.28 15.09
C GLY B 296 9.42 3.28 14.50
N MET B 297 8.91 2.08 14.23
CA MET B 297 9.71 1.02 13.61
C MET B 297 10.15 1.40 12.20
N ALA B 298 9.36 2.22 11.53
CA ALA B 298 9.71 2.74 10.21
C ALA B 298 10.86 3.73 10.33
N PHE B 299 10.82 4.52 11.39
CA PHE B 299 11.92 5.45 11.66
C PHE B 299 13.21 4.69 11.93
N ILE B 300 13.14 3.69 12.81
CA ILE B 300 14.30 2.85 13.11
C ILE B 300 14.81 2.15 11.85
N GLU B 301 13.88 1.68 11.02
CA GLU B 301 14.21 1.03 9.76
C GLU B 301 14.97 1.97 8.84
N GLN B 302 14.47 3.19 8.70
CA GLN B 302 15.11 4.20 7.86
C GLN B 302 16.48 4.56 8.39
N ARG B 303 16.63 4.50 9.72
CA ARG B 303 17.91 4.81 10.36
C ARG B 303 18.86 3.61 10.36
N ASN B 304 18.43 2.53 9.71
CA ASN B 304 19.22 1.31 9.60
C ASN B 304 19.60 0.72 10.95
N TYR B 305 18.77 1.00 11.96
CA TYR B 305 18.98 0.46 13.29
C TYR B 305 18.16 -0.82 13.49
N ILE B 306 18.31 -1.45 14.65
CA ILE B 306 17.58 -2.68 14.97
C ILE B 306 17.12 -2.65 16.43
N HIS B 307 15.91 -3.13 16.69
CA HIS B 307 15.36 -3.14 18.05
C HIS B 307 15.79 -4.37 18.85
N ARG B 308 15.48 -5.54 18.31
CA ARG B 308 15.91 -6.86 18.82
C ARG B 308 15.02 -7.41 19.94
N ASP B 309 14.05 -6.62 20.40
CA ASP B 309 13.10 -7.09 21.40
C ASP B 309 11.77 -6.32 21.37
N LEU B 310 11.00 -6.54 20.31
CA LEU B 310 9.73 -5.84 20.13
C LEU B 310 8.56 -6.58 20.77
N ARG B 311 7.85 -5.90 21.68
CA ARG B 311 6.66 -6.43 22.33
C ARG B 311 5.95 -5.35 23.14
N ALA B 312 4.68 -5.60 23.47
CA ALA B 312 3.86 -4.66 24.22
C ALA B 312 4.48 -4.22 25.54
N ALA B 313 5.35 -5.08 26.08
CA ALA B 313 6.04 -4.78 27.33
C ALA B 313 7.07 -3.68 27.12
N ASN B 314 7.60 -3.59 25.90
CA ASN B 314 8.58 -2.58 25.57
C ASN B 314 7.97 -1.41 24.80
N ILE B 315 6.65 -1.35 24.79
CA ILE B 315 5.93 -0.21 24.25
C ILE B 315 5.27 0.58 25.39
N LEU B 316 5.51 1.88 25.44
CA LEU B 316 4.98 2.71 26.50
C LEU B 316 3.84 3.59 26.00
N VAL B 317 2.97 3.99 26.91
CA VAL B 317 1.80 4.81 26.56
C VAL B 317 1.78 6.11 27.36
N SER B 318 1.58 7.22 26.65
CA SER B 318 1.50 8.52 27.30
C SER B 318 0.10 8.77 27.84
N ALA B 319 -0.03 9.82 28.66
CA ALA B 319 -1.32 10.17 29.25
C ALA B 319 -2.36 10.49 28.18
N SER B 320 -1.89 10.89 27.01
CA SER B 320 -2.75 11.22 25.88
C SER B 320 -2.87 10.03 24.92
N LEU B 321 -2.40 8.87 25.39
CA LEU B 321 -2.53 7.59 24.68
C LEU B 321 -1.65 7.53 23.43
N VAL B 322 -0.47 8.14 23.50
CA VAL B 322 0.49 8.04 22.42
C VAL B 322 1.48 6.93 22.71
N CYS B 323 1.67 6.04 21.74
CA CYS B 323 2.57 4.91 21.94
C CYS B 323 3.99 5.25 21.52
N LYS B 324 4.95 4.87 22.36
CA LYS B 324 6.36 5.12 22.09
C LYS B 324 7.18 3.86 22.32
N ILE B 325 8.05 3.55 21.37
CA ILE B 325 8.92 2.38 21.46
C ILE B 325 10.00 2.60 22.51
N ALA B 326 10.20 1.60 23.36
CA ALA B 326 11.21 1.69 24.41
C ALA B 326 12.24 0.57 24.30
N ASP B 327 13.38 0.76 24.98
CA ASP B 327 14.44 -0.24 25.06
C ASP B 327 15.03 -0.61 23.71
N PHE B 328 14.97 0.30 22.74
CA PHE B 328 15.54 0.06 21.43
C PHE B 328 17.07 -0.01 21.50
N GLY B 329 17.63 -1.07 20.93
CA GLY B 329 19.06 -1.26 20.91
C GLY B 329 19.64 -1.78 22.21
N LEU B 330 18.86 -1.67 23.28
CA LEU B 330 19.29 -2.08 24.61
C LEU B 330 19.53 -3.59 24.69
N ALA B 331 18.78 -4.35 23.89
CA ALA B 331 18.87 -5.80 23.92
C ALA B 331 20.25 -6.31 23.48
N ARG B 332 20.95 -5.50 22.69
CA ARG B 332 22.28 -5.89 22.20
C ARG B 332 23.33 -5.95 23.30
N VAL B 333 23.43 -4.87 24.08
CA VAL B 333 24.45 -4.78 25.12
C VAL B 333 24.23 -5.84 26.21
N ILE B 334 22.98 -6.22 26.41
CA ILE B 334 22.62 -7.22 27.42
C ILE B 334 23.29 -8.57 27.14
N PRO B 348 12.18 -13.95 25.53
CA PRO B 348 10.94 -13.80 24.76
C PRO B 348 10.99 -14.55 23.43
N ILE B 349 11.05 -15.87 23.49
CA ILE B 349 11.12 -16.71 22.31
C ILE B 349 9.86 -16.58 21.45
N LYS B 350 8.74 -16.29 22.10
CA LYS B 350 7.45 -16.24 21.42
C LYS B 350 7.33 -15.01 20.52
N TRP B 351 8.15 -14.01 20.76
CA TRP B 351 8.16 -12.80 19.93
C TRP B 351 9.32 -12.86 18.94
N THR B 352 10.15 -13.88 19.05
CA THR B 352 11.37 -13.95 18.27
C THR B 352 11.20 -14.76 16.98
N ALA B 353 11.70 -14.21 15.88
CA ALA B 353 11.67 -14.89 14.59
C ALA B 353 12.57 -16.11 14.62
N PRO B 354 12.26 -17.11 13.77
CA PRO B 354 13.03 -18.36 13.79
C PRO B 354 14.49 -18.20 13.37
N GLU B 355 14.76 -17.25 12.48
CA GLU B 355 16.12 -17.01 12.01
C GLU B 355 16.97 -16.23 13.01
N ALA B 356 16.32 -15.57 13.96
CA ALA B 356 17.04 -14.83 14.98
C ALA B 356 17.53 -15.83 16.00
N ILE B 357 16.70 -16.83 16.28
CA ILE B 357 17.15 -18.00 17.02
C ILE B 357 18.02 -18.79 16.02
N ASN B 358 18.69 -19.84 16.50
CA ASN B 358 19.56 -20.66 15.66
C ASN B 358 20.72 -19.85 15.08
N PHE B 362 19.61 -11.72 13.75
CA PHE B 362 18.81 -10.55 14.10
C PHE B 362 18.92 -9.45 13.08
N THR B 363 17.79 -9.13 12.44
CA THR B 363 17.72 -8.06 11.46
C THR B 363 16.44 -7.25 11.67
N ILE B 364 16.15 -6.36 10.72
CA ILE B 364 14.92 -5.58 10.77
C ILE B 364 13.71 -6.48 10.48
N LYS B 365 13.95 -7.56 9.74
CA LYS B 365 12.88 -8.48 9.37
C LYS B 365 12.40 -9.31 10.56
N SER B 366 13.34 -9.67 11.44
CA SER B 366 12.99 -10.37 12.66
C SER B 366 12.16 -9.44 13.54
N ASP B 367 12.43 -8.14 13.43
CA ASP B 367 11.64 -7.13 14.11
C ASP B 367 10.26 -6.99 13.48
N VAL B 368 10.17 -7.29 12.18
CA VAL B 368 8.87 -7.32 11.51
C VAL B 368 8.04 -8.50 12.01
N TRP B 369 8.69 -9.66 12.16
CA TRP B 369 8.06 -10.83 12.74
C TRP B 369 7.54 -10.49 14.15
N SER B 370 8.44 -9.92 14.94
CA SER B 370 8.11 -9.49 16.30
C SER B 370 6.94 -8.51 16.29
N PHE B 371 6.88 -7.69 15.24
CA PHE B 371 5.78 -6.74 15.10
C PHE B 371 4.48 -7.45 14.80
N GLY B 372 4.57 -8.56 14.07
CA GLY B 372 3.40 -9.38 13.82
C GLY B 372 2.87 -9.95 15.13
N ILE B 373 3.77 -10.53 15.92
CA ILE B 373 3.40 -11.09 17.21
C ILE B 373 2.81 -10.02 18.13
N LEU B 374 3.44 -8.86 18.14
CA LEU B 374 2.97 -7.71 18.91
C LEU B 374 1.58 -7.29 18.47
N LEU B 375 1.36 -7.30 17.16
CA LEU B 375 0.06 -6.98 16.58
C LEU B 375 -0.99 -7.94 17.12
N MET B 376 -0.61 -9.22 17.22
CA MET B 376 -1.50 -10.21 17.80
C MET B 376 -1.77 -9.93 19.28
N GLU B 377 -0.73 -9.52 20.00
CA GLU B 377 -0.88 -9.15 21.41
C GLU B 377 -1.88 -8.00 21.58
N ILE B 378 -1.74 -7.00 20.72
CA ILE B 378 -2.61 -5.82 20.76
C ILE B 378 -4.05 -6.16 20.45
N VAL B 379 -4.26 -6.93 19.38
CA VAL B 379 -5.62 -7.24 18.95
C VAL B 379 -6.33 -8.16 19.95
N THR B 380 -5.56 -8.88 20.76
CA THR B 380 -6.14 -9.77 21.78
C THR B 380 -6.10 -9.15 23.18
N TYR B 381 -5.91 -7.84 23.24
CA TYR B 381 -5.91 -7.09 24.49
C TYR B 381 -4.92 -7.62 25.52
N GLY B 382 -3.68 -7.86 25.11
CA GLY B 382 -2.62 -8.20 26.04
C GLY B 382 -2.42 -9.68 26.31
N ARG B 383 -3.21 -10.51 25.63
CA ARG B 383 -3.08 -11.96 25.77
C ARG B 383 -1.68 -12.41 25.41
N ILE B 384 -1.23 -13.51 26.02
CA ILE B 384 0.10 -14.04 25.77
C ILE B 384 0.09 -14.89 24.51
N PRO B 385 1.07 -14.68 23.61
CA PRO B 385 1.15 -15.41 22.35
C PRO B 385 1.23 -16.91 22.53
N TYR B 386 0.63 -17.67 21.62
CA TYR B 386 0.59 -19.12 21.69
C TYR B 386 0.11 -19.61 23.06
N PRO B 387 -1.14 -19.27 23.45
CA PRO B 387 -1.64 -19.64 24.77
C PRO B 387 -1.71 -21.15 24.98
N GLY B 388 -1.11 -21.63 26.07
CA GLY B 388 -1.11 -23.04 26.37
C GLY B 388 0.05 -23.79 25.73
N MET B 389 1.04 -23.04 25.27
CA MET B 389 2.20 -23.63 24.60
C MET B 389 3.50 -23.14 25.23
N SER B 390 4.40 -24.08 25.51
CA SER B 390 5.72 -23.74 26.02
C SER B 390 6.65 -23.36 24.87
N ASN B 391 7.81 -22.78 25.20
CA ASN B 391 8.77 -22.35 24.19
C ASN B 391 9.18 -23.43 23.19
N PRO B 392 9.64 -24.61 23.66
CA PRO B 392 10.06 -25.61 22.67
C PRO B 392 8.90 -26.10 21.81
N GLU B 393 7.73 -26.28 22.41
CA GLU B 393 6.53 -26.64 21.67
C GLU B 393 6.25 -25.65 20.56
N VAL B 394 6.42 -24.36 20.89
CA VAL B 394 6.21 -23.29 19.91
C VAL B 394 7.23 -23.38 18.78
N ILE B 395 8.49 -23.57 19.13
CA ILE B 395 9.55 -23.71 18.13
C ILE B 395 9.28 -24.87 17.17
N ARG B 396 8.89 -26.01 17.74
CA ARG B 396 8.62 -27.20 16.95
C ARG B 396 7.36 -27.01 16.10
N ALA B 397 6.42 -26.22 16.60
CA ALA B 397 5.23 -25.87 15.84
C ALA B 397 5.62 -25.02 14.63
N LEU B 398 6.48 -24.03 14.86
CA LEU B 398 7.00 -23.17 13.81
C LEU B 398 7.75 -23.99 12.77
N GLU B 399 8.41 -25.06 13.22
CA GLU B 399 9.09 -25.97 12.33
C GLU B 399 8.11 -26.65 11.36
N ARG B 400 6.90 -26.90 11.85
CA ARG B 400 5.86 -27.52 11.01
C ARG B 400 5.20 -26.49 10.10
N GLY B 401 5.49 -25.21 10.33
CA GLY B 401 4.86 -24.14 9.60
C GLY B 401 3.55 -23.69 10.24
N TYR B 402 3.45 -23.88 11.56
CA TYR B 402 2.26 -23.46 12.30
C TYR B 402 2.27 -21.96 12.58
N ARG B 403 1.08 -21.37 12.57
CA ARG B 403 0.92 -19.96 12.94
C ARG B 403 -0.31 -19.78 13.83
N MET B 404 -0.34 -18.69 14.58
CA MET B 404 -1.48 -18.40 15.44
C MET B 404 -2.75 -18.14 14.63
N PRO B 405 -3.88 -18.73 15.06
CA PRO B 405 -5.18 -18.53 14.41
C PRO B 405 -5.69 -17.10 14.54
N ARG B 406 -6.70 -16.75 13.75
CA ARG B 406 -7.27 -15.41 13.79
C ARG B 406 -8.31 -15.31 14.90
N PRO B 407 -8.12 -14.37 15.83
CA PRO B 407 -9.10 -14.09 16.89
C PRO B 407 -10.46 -13.68 16.33
N GLU B 408 -11.50 -13.82 17.13
CA GLU B 408 -12.86 -13.52 16.69
C GLU B 408 -13.04 -12.05 16.33
N ASN B 409 -12.51 -11.17 17.17
CA ASN B 409 -12.67 -9.72 16.97
C ASN B 409 -11.56 -9.11 16.13
N CYS B 410 -10.84 -9.95 15.39
CA CYS B 410 -9.77 -9.48 14.51
C CYS B 410 -10.20 -9.49 13.04
N PRO B 411 -10.06 -8.35 12.35
CA PRO B 411 -10.36 -8.25 10.92
C PRO B 411 -9.42 -9.12 10.08
N GLU B 412 -9.96 -9.71 9.01
CA GLU B 412 -9.20 -10.63 8.16
C GLU B 412 -7.94 -9.99 7.58
N GLU B 413 -8.06 -8.76 7.12
CA GLU B 413 -6.96 -8.04 6.48
C GLU B 413 -5.78 -7.84 7.42
N LEU B 414 -6.09 -7.51 8.68
CA LEU B 414 -5.06 -7.31 9.69
C LEU B 414 -4.33 -8.63 9.92
N TYR B 415 -5.10 -9.72 9.91
CA TYR B 415 -4.53 -11.05 10.04
C TYR B 415 -3.64 -11.36 8.85
N ASN B 416 -4.01 -10.86 7.68
CA ASN B 416 -3.15 -11.00 6.50
C ASN B 416 -1.83 -10.26 6.70
N ILE B 417 -1.89 -9.11 7.33
CA ILE B 417 -0.67 -8.37 7.66
C ILE B 417 0.21 -9.19 8.61
N MET B 418 -0.41 -9.77 9.63
CA MET B 418 0.30 -10.63 10.58
C MET B 418 0.97 -11.80 9.85
N MET B 419 0.21 -12.46 8.98
CA MET B 419 0.72 -13.59 8.21
C MET B 419 1.88 -13.20 7.32
N ARG B 420 1.80 -12.02 6.71
CA ARG B 420 2.89 -11.53 5.87
C ARG B 420 4.11 -11.23 6.73
N CYS B 421 3.87 -10.84 7.97
CA CYS B 421 4.97 -10.62 8.92
C CYS B 421 5.60 -11.93 9.35
N TRP B 422 4.82 -13.01 9.26
CA TRP B 422 5.26 -14.32 9.72
C TRP B 422 5.65 -15.25 8.57
N LYS B 423 6.49 -14.77 7.65
CA LYS B 423 6.93 -15.61 6.55
C LYS B 423 8.30 -16.21 6.86
N ASN B 424 8.48 -17.47 6.47
CA ASN B 424 9.73 -18.20 6.73
C ASN B 424 10.92 -17.46 6.14
N ARG B 425 10.81 -17.13 4.85
CA ARG B 425 11.83 -16.32 4.21
C ARG B 425 11.75 -14.89 4.74
N PRO B 426 12.81 -14.42 5.40
CA PRO B 426 12.85 -13.07 5.97
C PRO B 426 12.72 -12.00 4.89
N GLU B 427 13.29 -12.25 3.72
CA GLU B 427 13.29 -11.28 2.62
C GLU B 427 11.89 -11.02 2.08
N GLU B 428 10.97 -11.96 2.31
CA GLU B 428 9.61 -11.83 1.79
C GLU B 428 8.69 -11.12 2.79
N ARG B 429 9.23 -10.77 3.94
CA ARG B 429 8.46 -10.01 4.92
C ARG B 429 8.43 -8.54 4.55
N PRO B 430 7.29 -7.87 4.78
CA PRO B 430 7.10 -6.47 4.41
C PRO B 430 8.07 -5.53 5.13
N THR B 431 8.16 -4.30 4.64
CA THR B 431 8.94 -3.27 5.31
C THR B 431 8.02 -2.51 6.26
N PHE B 432 8.61 -1.93 7.31
CA PHE B 432 7.82 -1.16 8.28
C PHE B 432 7.19 0.07 7.64
N GLU B 433 7.82 0.58 6.59
CA GLU B 433 7.26 1.68 5.82
C GLU B 433 5.91 1.28 5.24
N TYR B 434 5.87 0.12 4.60
CA TYR B 434 4.65 -0.40 4.00
C TYR B 434 3.59 -0.68 5.06
N ILE B 435 3.97 -1.39 6.11
CA ILE B 435 3.06 -1.71 7.21
C ILE B 435 2.44 -0.43 7.78
N GLN B 436 3.28 0.58 7.96
CA GLN B 436 2.81 1.87 8.46
C GLN B 436 1.82 2.51 7.50
N SER B 437 2.15 2.48 6.21
CA SER B 437 1.29 3.06 5.20
C SER B 437 -0.08 2.39 5.17
N VAL B 438 -0.09 1.07 5.31
CA VAL B 438 -1.33 0.30 5.30
C VAL B 438 -2.16 0.53 6.55
N LEU B 439 -1.51 0.51 7.71
CA LEU B 439 -2.21 0.67 8.98
C LEU B 439 -2.76 2.09 9.16
N ASP B 440 -2.04 3.07 8.63
CA ASP B 440 -2.46 4.47 8.75
C ASP B 440 -3.80 4.71 8.05
N ASP B 441 -3.91 4.27 6.81
CA ASP B 441 -5.16 4.42 6.05
C ASP B 441 -5.87 3.07 5.94
N PHE B 442 -6.15 2.47 7.09
CA PHE B 442 -6.76 1.15 7.12
C PHE B 442 -8.26 1.23 6.87
N TYR B 443 -8.87 2.33 7.29
CA TYR B 443 -10.31 2.52 7.13
C TYR B 443 -10.61 3.54 6.04
N THR B 444 -9.57 3.97 5.34
CA THR B 444 -9.72 4.98 4.29
C THR B 444 -9.30 4.44 2.94
N ALA B 445 -10.19 4.53 1.96
CA ALA B 445 -9.86 4.16 0.59
C ALA B 445 -8.84 5.15 0.04
N THR B 446 -7.91 4.66 -0.77
CA THR B 446 -6.84 5.49 -1.30
C THR B 446 -7.37 6.75 -1.98
N GLU B 447 -8.46 6.61 -2.73
CA GLU B 447 -9.06 7.73 -3.45
C GLU B 447 -9.72 8.73 -2.50
N SER B 448 -10.02 8.29 -1.29
CA SER B 448 -10.77 9.11 -0.35
C SER B 448 -9.89 9.78 0.70
N GLN B 449 -8.58 9.82 0.46
CA GLN B 449 -7.67 10.49 1.36
C GLN B 449 -7.94 11.99 1.37
N PTR B 450 -7.92 12.58 0.19
CA PTR B 450 -8.23 14.00 0.04
C PTR B 450 -9.56 14.22 -0.68
O PTR B 450 -9.70 13.89 -1.86
CB PTR B 450 -7.09 14.76 -0.63
CG PTR B 450 -5.93 15.05 0.30
CD1 PTR B 450 -5.82 16.29 0.92
CD2 PTR B 450 -4.98 14.08 0.58
CE1 PTR B 450 -4.77 16.55 1.78
CE2 PTR B 450 -3.93 14.34 1.43
CZ PTR B 450 -3.83 15.59 2.03
OH PTR B 450 -2.84 15.84 2.85
P PTR B 450 -1.42 16.34 2.30
O1P PTR B 450 -0.54 16.76 3.50
O2P PTR B 450 -0.78 15.22 1.58
O3P PTR B 450 -1.61 17.54 1.36
N GLU B 451 -10.52 14.77 0.04
CA GLU B 451 -11.84 15.08 -0.50
C GLU B 451 -11.73 16.06 -1.67
N GLU B 452 -12.52 15.82 -2.71
CA GLU B 452 -12.53 16.68 -3.89
C GLU B 452 -13.80 17.52 -3.88
N ILE B 453 -13.66 18.80 -4.24
CA ILE B 453 -14.78 19.72 -4.20
C ILE B 453 -14.97 20.45 -5.53
CA CA C . -9.78 12.19 -3.70
NAK VSE D . -0.52 -8.28 -31.66
C6 VSE D . -1.18 -7.21 -32.14
C5 VSE D . -0.49 -6.01 -32.45
CAI VSE D . 0.87 -5.46 -32.44
CAJ VSE D . 2.06 -6.24 -32.01
CAL VSE D . 2.47 -7.45 -32.61
CAM VSE D . 3.60 -8.14 -32.21
CAN VSE D . 4.43 -7.69 -31.18
OBD VSE D . 5.55 -8.42 -30.83
CBE VSE D . 6.00 -8.55 -29.53
CBF VSE D . 7.36 -8.33 -29.26
CBG VSE D . 7.86 -8.46 -27.98
CBH VSE D . 7.04 -8.81 -26.92
CBI VSE D . 5.69 -9.02 -27.17
CBJ VSE D . 5.17 -8.90 -28.45
CAO VSE D . 4.05 -6.49 -30.58
CAP VSE D . 2.91 -5.80 -30.98
CAH VSE D . 0.74 -4.17 -32.93
NAG VSE D . -0.59 -3.84 -33.24
C4 VSE D . -1.34 -5.00 -32.94
N3 VSE D . -2.72 -5.08 -33.12
C2 VSE D . -3.21 -6.27 -32.77
N1 VSE D . -2.56 -7.36 -32.29
CAQ VSE D . -1.53 -2.76 -33.76
CAV VSE D . -2.42 -1.80 -32.93
CAU VSE D . -2.57 -0.45 -33.68
CAT VSE D . -1.23 0.27 -33.99
CAS VSE D . -0.12 -0.73 -34.26
CAR VSE D . -0.69 -2.00 -34.82
NAW VSE D . -1.39 1.22 -35.17
CAX VSE D . -0.51 2.40 -34.87
CAY VSE D . -0.85 3.64 -35.71
NAZ VSE D . -2.30 3.95 -35.59
CBC VSE D . -2.60 5.17 -36.39
CBA VSE D . -3.05 2.81 -36.15
CBB VSE D . -2.84 1.63 -35.24
CL CL E . -12.57 -46.62 -22.55
C1 GOL F . 9.15 -0.90 -29.41
O1 GOL F . 10.47 -0.81 -29.89
C2 GOL F . 8.18 -0.67 -30.57
O2 GOL F . 8.89 -0.62 -31.78
C3 GOL F . 7.45 0.66 -30.36
O3 GOL F . 6.39 0.76 -31.28
C1 GOL G . -6.39 -4.25 -34.42
O1 GOL G . -5.13 -3.69 -34.16
C2 GOL G . -7.44 -3.15 -34.51
O2 GOL G . -6.81 -1.92 -34.82
C3 GOL G . -8.45 -3.50 -35.59
O3 GOL G . -9.44 -2.50 -35.64
CA CA H . -12.98 -6.71 6.63
C1 GOL I . 15.18 -5.12 28.15
O1 GOL I . 15.37 -5.41 26.79
C2 GOL I . 14.01 -5.92 28.69
O2 GOL I . 14.36 -6.50 29.93
C3 GOL I . 12.80 -5.02 28.88
O3 GOL I . 11.72 -5.75 29.43
NAK VSE J . 10.26 5.69 30.84
C6 VSE J . 9.28 5.00 31.47
C5 VSE J . 9.38 3.59 31.64
CAI VSE J . 10.30 2.50 31.34
CAJ VSE J . 11.60 2.70 30.65
CAL VSE J . 12.60 3.57 31.11
CAM VSE J . 13.82 3.75 30.47
CAN VSE J . 14.16 3.04 29.31
OBD VSE J . 15.40 3.25 28.73
CBE VSE J . 15.65 3.11 27.38
CBF VSE J . 14.82 3.75 26.44
CBG VSE J . 15.06 3.62 25.08
CBH VSE J . 16.12 2.87 24.60
CBI VSE J . 16.96 2.24 25.52
CBJ VSE J . 16.73 2.35 26.88
CAO VSE J . 13.18 2.15 28.83
CAP VSE J . 11.95 1.99 29.48
CAH VSE J . 9.68 1.36 31.86
NAG VSE J . 8.42 1.66 32.46
C4 VSE J . 8.27 3.06 32.32
N3 VSE J . 7.16 3.75 32.78
C2 VSE J . 7.22 5.06 32.54
N1 VSE J . 8.20 5.76 31.91
CAQ VSE J . 7.19 1.12 33.20
CAV VSE J . 5.97 0.31 32.62
CAU VSE J . 5.92 -1.15 33.14
CAT VSE J . 6.20 -1.21 34.63
CAS VSE J . 7.62 -0.86 34.83
CAR VSE J . 7.77 0.62 34.60
NAW VSE J . 5.88 -2.57 35.22
CAX VSE J . 5.92 -3.62 34.17
CAY VSE J . 5.42 -4.96 34.73
NAZ VSE J . 4.04 -4.81 35.28
CBC VSE J . 3.63 -6.10 35.87
CBA VSE J . 4.03 -3.78 36.34
CBB VSE J . 4.48 -2.46 35.76
CL CL K . 15.89 45.89 22.45
N1 IMD L . -0.97 26.86 18.41
C2 IMD L . -1.03 26.50 17.11
N3 IMD L . 0.19 26.69 16.55
C4 IMD L . 1.01 27.19 17.50
C5 IMD L . 0.28 27.30 18.68
C1 GOL M . 2.86 5.47 36.28
O1 GOL M . 2.98 4.74 37.49
C2 GOL M . 2.90 4.52 35.10
O2 GOL M . 2.60 3.21 35.53
C3 GOL M . 4.29 4.53 34.48
O3 GOL M . 4.99 3.36 34.83
#